data_6MYS
#
_entry.id   6MYS
#
_cell.length_a   71.680
_cell.length_b   84.424
_cell.length_c   293.019
_cell.angle_alpha   90.00
_cell.angle_beta   90.00
_cell.angle_gamma   90.00
#
_symmetry.space_group_name_H-M   'P 21 21 21'
#
loop_
_entity.id
_entity.type
_entity.pdbx_description
1 polymer 'Succinate dehydrogenase [ubiquinone] flavoprotein subunit, mitochondrial'
2 polymer 'Succinate dehydrogenase [ubiquinone] iron-sulfur subunit, mitochondrial'
3 polymer 'Succinate dehydrogenase cytochrome b, large subunit'
4 polymer 'Succinate dehydrogenase [ubiquinone] cytochrome b small subunit, mitochondrial'
5 non-polymer 'FLAVIN-ADENINE DINUCLEOTIDE'
6 non-polymer 'POTASSIUM ION'
7 non-polymer 'OXALOACETATE ION'
8 non-polymer 'UNKNOWN LIGAND'
9 non-polymer 'FE2/S2 (INORGANIC) CLUSTER'
10 non-polymer 'IRON/SULFUR CLUSTER'
11 non-polymer 'FE3-S4 CLUSTER'
12 non-polymer 3-[(2S,4S,5R)-5,6-DICHLORO-2,4-DIMETHYL-1-OXOHEXYL]-4-HYDROXY-5,6-DIMETHOXY-2(1H)-PYRIDINONE
13 non-polymer 'PROTOPORPHYRIN IX CONTAINING FE'
14 non-polymer UNDECYL-MALTOSIDE
15 non-polymer 1,2-Distearoyl-sn-glycerophosphoethanolamine
16 water water
#
loop_
_entity_poly.entity_id
_entity_poly.type
_entity_poly.pdbx_seq_one_letter_code
_entity_poly.pdbx_strand_id
1 'polypeptide(L)'
;STKVSDSISTQYPVVDHEFDAVVVGAGGAGLRAAFGLSEAGFNTACVTKLFPTRSHTVAAQGGINAALGNMEDDNWRWHF
YDTVKGSDWLGDQDAIHYMTEQAPAAVIELENYGMPFSRTEEGKIYQRAFGGQSLQFGKGGQAHRCCCVADRTGHSLLHT
LYGRSLRYDTSYFVEYFALDLLMENGECRGVIALCIEDGTIHRFRAKNTVIATGGYGRTYFSCTSAHTSTGDGTAMVTRA
GLPCQDLEFVQFHPTGIYGAGCLITEGCRGEGGILINSQGERFMERYAPVAKDLASRDVVSRSMTIEIREGRGCGPEKDH
VYLQLHHLPPQQLATRLPGISETAMIFAGVDVTKEPIPVLPTVHYNMGGIPTNYKGQVITHVNGEDKVVPGLYACGEAAS
ASVHGANRLGANSLLDLVVFGRACALTIAETCKPGEPVPSIKPNAGEESVANLDKLRFADGTIRTSEARLNMQKTMQSHA
AVFRTGSILQEGCEKLSQIYRDLAHLKTFDRGIVWNTDLVETLELQNLMLCALQTIYGAEARKESRGAHAREDYKLRIDE
FDYSKPLQGQQKRPFEEHWRKHTLSYVDVKSGKVTLKYRPVIDRTLNEEDCSSVPPAIRSY
;
A
2 'polypeptide(L)'
;AQTAAAATSRIKKFSIYRWDPDKPGDKPRMQTYEVDLNKCGPMVLDALIKIKNELDSTLTFRRSCREGICGSCAMNIAGG
NTLACTKKIDPDLSKTTKIYPLPHMYVVKDLVPDLSNFYAQYKSIEPYLKKKDESKQGKEQYLQSIEDRQKLDGLYECIL
CACCSTSCPSYWWNGDKYLGPAVLMQAYRWMIDSRDDYTEERLAQLQDPFSLYRCHTIMNCTRTCPKGLNPGKAIAEIKK
MMATYKEKAAAA
;
B
3 'polypeptide(L)'
;MATTAKEEMARFWE(MLZ)NTKSSRPLSPHISIYKWSLPMAMSITHRGTGVALSLGVSLFSLAALLLPEQFPHYVAVVKS
LSLSPALIYSAKFALVFPLSYHTWNGIRHLVWDMGKGFKLSQVEQSGVVVLILTLLSSAAIAAM
;
C
4 'polypeptide(L)'
;GSSKAASLHWTSERAVSALLLGLLPAAYLYPGPAVDYSLAAALTLHGHWGLGQVITDYVHGDTPIKVANTGLYVLSAITF
TGLCYFNYYDVGICKAVAMLWSI
;
D
#
loop_
_chem_comp.id
_chem_comp.type
_chem_comp.name
_chem_comp.formula
3PE non-polymer 1,2-Distearoyl-sn-glycerophosphoethanolamine 'C41 H82 N O8 P'
AT5 non-polymer 3-[(2S,4S,5R)-5,6-DICHLORO-2,4-DIMETHYL-1-OXOHEXYL]-4-HYDROXY-5,6-DIMETHOXY-2(1H)-PYRIDINONE 'C15 H21 Cl2 N O5'
F3S non-polymer 'FE3-S4 CLUSTER' 'Fe3 S4'
FAD non-polymer 'FLAVIN-ADENINE DINUCLEOTIDE' 'C27 H33 N9 O15 P2'
FES non-polymer 'FE2/S2 (INORGANIC) CLUSTER' 'Fe2 S2'
HEM non-polymer 'PROTOPORPHYRIN IX CONTAINING FE' 'C34 H32 Fe N4 O4'
K non-polymer 'POTASSIUM ION' 'K 1'
OAA non-polymer 'OXALOACETATE ION' 'C4 H3 O5 -1'
SF4 non-polymer 'IRON/SULFUR CLUSTER' 'Fe4 S4'
UMQ non-polymer UNDECYL-MALTOSIDE 'C23 H44 O11'
UNL non-polymer 'UNKNOWN LIGAND' ?
#
# COMPACT_ATOMS: atom_id res chain seq x y z
N THR A 10 24.85 -22.97 14.96
CA THR A 10 26.26 -22.86 15.31
C THR A 10 26.82 -21.52 14.87
N GLN A 11 26.58 -21.16 13.61
CA GLN A 11 27.03 -19.90 13.05
C GLN A 11 25.98 -18.80 13.13
N TYR A 12 24.70 -19.16 13.05
CA TYR A 12 23.62 -18.18 13.10
C TYR A 12 23.05 -18.08 14.50
N PRO A 13 22.91 -16.87 15.05
CA PRO A 13 22.25 -16.73 16.36
C PRO A 13 20.77 -17.07 16.24
N VAL A 14 20.30 -17.94 17.12
CA VAL A 14 18.93 -18.45 17.08
C VAL A 14 18.18 -17.91 18.29
N VAL A 15 17.08 -17.20 18.01
CA VAL A 15 16.20 -16.67 19.05
C VAL A 15 14.97 -17.56 19.14
N ASP A 16 14.50 -17.83 20.35
CA ASP A 16 13.35 -18.67 20.60
C ASP A 16 12.20 -17.86 21.17
N HIS A 17 10.98 -18.15 20.72
CA HIS A 17 9.79 -17.49 21.21
C HIS A 17 8.76 -18.53 21.63
N GLU A 18 7.81 -18.10 22.46
CA GLU A 18 6.73 -18.95 22.92
C GLU A 18 5.43 -18.17 22.86
N PHE A 19 4.46 -18.69 22.10
CA PHE A 19 3.15 -18.08 21.97
C PHE A 19 2.09 -19.16 22.05
N ASP A 20 0.84 -18.75 22.24
CA ASP A 20 -0.28 -19.69 22.13
C ASP A 20 -0.47 -20.12 20.69
N ALA A 21 -0.40 -19.18 19.75
CA ALA A 21 -0.59 -19.47 18.33
C ALA A 21 0.23 -18.48 17.51
N VAL A 22 0.71 -18.94 16.36
N VAL A 22 0.73 -18.95 16.36
CA VAL A 22 1.51 -18.13 15.44
CA VAL A 22 1.51 -18.13 15.45
C VAL A 22 0.83 -18.15 14.08
C VAL A 22 0.81 -18.14 14.10
N VAL A 23 0.65 -16.96 13.49
CA VAL A 23 0.02 -16.81 12.19
C VAL A 23 1.09 -16.35 11.21
N VAL A 24 1.24 -17.11 10.12
CA VAL A 24 2.23 -16.80 9.09
C VAL A 24 1.51 -16.14 7.93
N GLY A 25 1.57 -14.81 7.88
CA GLY A 25 0.92 -14.07 6.82
C GLY A 25 0.13 -12.90 7.34
N ALA A 26 0.23 -11.75 6.67
CA ALA A 26 -0.44 -10.53 7.10
C ALA A 26 -1.30 -9.95 5.98
N GLY A 27 -1.83 -10.81 5.11
CA GLY A 27 -2.83 -10.39 4.15
C GLY A 27 -4.17 -10.24 4.82
N GLY A 28 -5.22 -10.25 4.00
CA GLY A 28 -6.57 -10.19 4.54
C GLY A 28 -6.92 -11.39 5.40
N ALA A 29 -6.39 -12.56 5.04
CA ALA A 29 -6.69 -13.76 5.81
C ALA A 29 -5.86 -13.85 7.09
N GLY A 30 -4.56 -13.54 7.00
CA GLY A 30 -3.71 -13.62 8.17
C GLY A 30 -4.09 -12.61 9.24
N LEU A 31 -4.48 -11.41 8.83
CA LEU A 31 -4.82 -10.37 9.80
C LEU A 31 -6.11 -10.72 10.55
N ARG A 32 -7.13 -11.19 9.83
CA ARG A 32 -8.39 -11.54 10.49
C ARG A 32 -8.19 -12.65 11.51
N ALA A 33 -7.39 -13.66 11.17
CA ALA A 33 -7.09 -14.72 12.13
C ALA A 33 -6.24 -14.20 13.28
N ALA A 34 -5.34 -13.27 13.00
CA ALA A 34 -4.39 -12.81 14.01
C ALA A 34 -5.10 -12.15 15.18
N PHE A 35 -5.79 -11.03 14.93
CA PHE A 35 -6.47 -10.38 16.04
C PHE A 35 -7.76 -11.08 16.44
N GLY A 36 -8.28 -11.98 15.60
CA GLY A 36 -9.34 -12.86 16.06
C GLY A 36 -8.88 -13.78 17.17
N LEU A 37 -7.65 -14.29 17.06
CA LEU A 37 -7.07 -15.06 18.15
C LEU A 37 -6.78 -14.19 19.37
N SER A 38 -6.28 -12.98 19.14
CA SER A 38 -6.08 -12.05 20.26
C SER A 38 -7.42 -11.60 20.85
N GLU A 39 -8.45 -11.46 20.02
CA GLU A 39 -9.80 -11.24 20.53
C GLU A 39 -10.17 -12.29 21.56
N ALA A 40 -9.78 -13.54 21.32
CA ALA A 40 -10.11 -14.67 22.20
C ALA A 40 -9.05 -14.89 23.28
N GLY A 41 -8.24 -13.88 23.58
CA GLY A 41 -7.29 -13.98 24.67
C GLY A 41 -6.06 -14.82 24.40
N PHE A 42 -5.80 -15.19 23.15
CA PHE A 42 -4.64 -15.99 22.81
C PHE A 42 -3.44 -15.10 22.55
N ASN A 43 -2.34 -15.36 23.27
CA ASN A 43 -1.06 -14.69 23.03
C ASN A 43 -0.57 -15.11 21.65
N THR A 44 -0.78 -14.26 20.66
CA THR A 44 -0.63 -14.63 19.25
C THR A 44 0.45 -13.80 18.58
N ALA A 45 1.34 -14.46 17.85
CA ALA A 45 2.37 -13.81 17.04
C ALA A 45 1.99 -13.85 15.57
N CYS A 46 2.38 -12.81 14.83
CA CYS A 46 2.10 -12.70 13.40
C CYS A 46 3.41 -12.49 12.67
N VAL A 47 3.82 -13.48 11.89
CA VAL A 47 5.06 -13.46 11.14
C VAL A 47 4.76 -13.18 9.68
N THR A 48 5.33 -12.11 9.14
CA THR A 48 5.07 -11.70 7.76
C THR A 48 6.35 -11.19 7.12
N LYS A 49 6.64 -11.63 5.91
CA LYS A 49 7.83 -11.18 5.20
C LYS A 49 7.67 -9.77 4.64
N LEU A 50 6.45 -9.24 4.59
CA LEU A 50 6.19 -7.89 4.14
C LEU A 50 5.49 -7.11 5.25
N PHE A 51 5.58 -5.80 5.18
CA PHE A 51 4.70 -4.97 5.98
C PHE A 51 3.26 -5.29 5.61
N PRO A 52 2.37 -5.48 6.59
CA PRO A 52 1.03 -6.02 6.30
C PRO A 52 0.30 -5.37 5.13
N THR A 53 0.36 -4.04 4.99
CA THR A 53 -0.40 -3.38 3.93
C THR A 53 0.30 -3.42 2.58
N ARG A 54 1.44 -4.09 2.47
CA ARG A 54 2.07 -4.36 1.18
C ARG A 54 1.61 -5.69 0.57
N SER A 55 0.81 -6.47 1.30
CA SER A 55 0.37 -7.79 0.84
C SER A 55 -0.49 -7.66 -0.41
N HIS A 56 -0.52 -8.73 -1.21
CA HIS A 56 -1.23 -8.69 -2.49
C HIS A 56 -2.71 -8.39 -2.32
N THR A 57 -3.27 -8.63 -1.13
CA THR A 57 -4.67 -8.27 -0.86
C THR A 57 -4.93 -6.80 -1.18
N VAL A 58 -3.93 -5.94 -0.98
CA VAL A 58 -4.10 -4.50 -1.20
C VAL A 58 -4.37 -4.20 -2.66
N ALA A 59 -3.92 -5.06 -3.57
CA ALA A 59 -4.13 -4.84 -5.00
C ALA A 59 -5.51 -5.29 -5.46
N ALA A 60 -6.32 -5.89 -4.59
CA ALA A 60 -7.63 -6.38 -4.99
C ALA A 60 -8.57 -5.21 -5.32
N GLN A 61 -9.42 -5.41 -6.32
CA GLN A 61 -10.17 -4.33 -6.92
C GLN A 61 -11.68 -4.57 -6.91
N GLY A 62 -12.14 -5.69 -7.47
CA GLY A 62 -13.56 -5.83 -7.81
C GLY A 62 -14.48 -5.71 -6.63
N GLY A 63 -14.22 -6.46 -5.58
CA GLY A 63 -15.04 -6.39 -4.39
C GLY A 63 -15.14 -7.73 -3.71
N ILE A 64 -16.17 -7.85 -2.86
CA ILE A 64 -16.35 -9.01 -1.99
C ILE A 64 -17.84 -9.35 -1.98
N ASN A 65 -18.15 -10.63 -2.21
CA ASN A 65 -19.53 -11.07 -2.35
C ASN A 65 -20.20 -11.29 -1.00
N ALA A 66 -21.47 -10.90 -0.92
CA ALA A 66 -22.34 -11.21 0.21
C ALA A 66 -23.77 -10.88 -0.18
N ALA A 67 -24.70 -11.73 0.23
CA ALA A 67 -26.12 -11.55 -0.10
C ALA A 67 -26.79 -10.58 0.87
N LEU A 68 -26.33 -9.33 0.84
CA LEU A 68 -26.88 -8.31 1.72
C LEU A 68 -28.28 -7.89 1.29
N GLY A 69 -28.54 -7.88 -0.01
CA GLY A 69 -29.84 -7.44 -0.49
C GLY A 69 -30.01 -5.95 -0.60
N ASN A 70 -28.92 -5.22 -0.86
CA ASN A 70 -29.01 -3.76 -0.96
C ASN A 70 -29.52 -3.31 -2.33
N MET A 71 -29.24 -4.08 -3.38
CA MET A 71 -29.68 -3.73 -4.73
C MET A 71 -31.01 -4.40 -5.07
N GLU A 72 -31.16 -5.68 -4.72
CA GLU A 72 -32.41 -6.39 -4.90
C GLU A 72 -32.53 -7.43 -3.80
N ASP A 73 -33.69 -8.08 -3.73
CA ASP A 73 -33.88 -9.18 -2.79
C ASP A 73 -32.95 -10.33 -3.18
N ASP A 74 -32.11 -10.75 -2.25
CA ASP A 74 -31.12 -11.80 -2.48
C ASP A 74 -31.32 -12.94 -1.48
N ASN A 75 -30.48 -13.96 -1.62
CA ASN A 75 -30.55 -15.14 -0.74
C ASN A 75 -29.17 -15.79 -0.77
N TRP A 76 -28.55 -15.96 0.40
CA TRP A 76 -27.21 -16.52 0.44
C TRP A 76 -27.14 -17.93 -0.15
N ARG A 77 -28.27 -18.64 -0.18
CA ARG A 77 -28.30 -19.98 -0.79
C ARG A 77 -28.16 -19.91 -2.29
N TRP A 78 -28.63 -18.82 -2.92
CA TRP A 78 -28.33 -18.60 -4.33
C TRP A 78 -26.84 -18.38 -4.55
N HIS A 79 -26.21 -17.60 -3.67
CA HIS A 79 -24.76 -17.46 -3.69
C HIS A 79 -24.09 -18.81 -3.49
N PHE A 80 -24.63 -19.64 -2.58
CA PHE A 80 -24.14 -21.00 -2.44
C PHE A 80 -24.20 -21.75 -3.76
N TYR A 81 -25.34 -21.66 -4.46
CA TYR A 81 -25.52 -22.40 -5.71
C TYR A 81 -24.54 -21.93 -6.77
N ASP A 82 -24.40 -20.60 -6.93
CA ASP A 82 -23.47 -20.08 -7.92
C ASP A 82 -22.04 -20.54 -7.64
N THR A 83 -21.66 -20.62 -6.35
CA THR A 83 -20.31 -21.04 -6.00
C THR A 83 -20.11 -22.53 -6.27
N VAL A 84 -21.10 -23.37 -5.92
CA VAL A 84 -21.00 -24.79 -6.22
C VAL A 84 -20.92 -25.01 -7.73
N LYS A 85 -21.77 -24.31 -8.49
CA LYS A 85 -21.73 -24.44 -9.94
C LYS A 85 -20.44 -23.86 -10.52
N GLY A 86 -19.99 -22.73 -9.98
CA GLY A 86 -18.76 -22.12 -10.45
C GLY A 86 -17.54 -23.00 -10.23
N SER A 87 -17.55 -23.78 -9.14
CA SER A 87 -16.44 -24.68 -8.83
C SER A 87 -16.43 -25.93 -9.70
N ASP A 88 -17.42 -26.10 -10.58
CA ASP A 88 -17.54 -27.29 -11.42
C ASP A 88 -17.65 -28.57 -10.58
N TRP A 89 -18.30 -28.46 -9.43
CA TRP A 89 -18.56 -29.58 -8.51
C TRP A 89 -17.27 -30.29 -8.09
N LEU A 90 -16.16 -29.54 -8.04
CA LEU A 90 -14.94 -29.99 -7.39
C LEU A 90 -14.74 -29.34 -6.03
N GLY A 91 -15.62 -28.41 -5.65
CA GLY A 91 -15.51 -27.77 -4.35
C GLY A 91 -16.28 -28.50 -3.26
N ASP A 92 -15.78 -28.38 -2.04
CA ASP A 92 -16.42 -29.00 -0.88
C ASP A 92 -17.64 -28.17 -0.48
N GLN A 93 -18.82 -28.78 -0.55
CA GLN A 93 -20.05 -28.03 -0.34
C GLN A 93 -20.28 -27.69 1.13
N ASP A 94 -19.60 -28.36 2.06
CA ASP A 94 -19.70 -27.97 3.47
C ASP A 94 -18.97 -26.65 3.71
N ALA A 95 -17.84 -26.44 3.04
CA ALA A 95 -17.12 -25.17 3.19
C ALA A 95 -17.83 -24.05 2.44
N ILE A 96 -18.36 -24.34 1.25
CA ILE A 96 -19.13 -23.34 0.50
C ILE A 96 -20.35 -22.92 1.30
N HIS A 97 -21.01 -23.87 1.97
CA HIS A 97 -22.12 -23.54 2.85
C HIS A 97 -21.70 -22.53 3.91
N TYR A 98 -20.58 -22.80 4.60
CA TYR A 98 -20.14 -21.91 5.67
C TYR A 98 -19.79 -20.53 5.12
N MET A 99 -19.10 -20.48 3.98
CA MET A 99 -18.65 -19.20 3.45
C MET A 99 -19.83 -18.35 3.00
N THR A 100 -20.75 -18.93 2.24
CA THR A 100 -21.86 -18.14 1.68
C THR A 100 -22.86 -17.75 2.76
N GLU A 101 -23.07 -18.59 3.77
CA GLU A 101 -23.99 -18.23 4.84
C GLU A 101 -23.40 -17.14 5.74
N GLN A 102 -22.09 -17.20 5.99
CA GLN A 102 -21.42 -16.21 6.82
C GLN A 102 -21.03 -14.95 6.05
N ALA A 103 -21.29 -14.90 4.74
CA ALA A 103 -20.89 -13.73 3.95
C ALA A 103 -21.55 -12.44 4.41
N PRO A 104 -22.87 -12.38 4.65
CA PRO A 104 -23.44 -11.11 5.12
C PRO A 104 -22.83 -10.63 6.43
N ALA A 105 -22.64 -11.52 7.41
CA ALA A 105 -22.03 -11.10 8.67
C ALA A 105 -20.58 -10.69 8.47
N ALA A 106 -19.86 -11.33 7.56
CA ALA A 106 -18.46 -11.00 7.34
C ALA A 106 -18.30 -9.61 6.76
N VAL A 107 -19.17 -9.24 5.81
CA VAL A 107 -19.07 -7.93 5.18
C VAL A 107 -19.58 -6.84 6.13
N ILE A 108 -20.66 -7.12 6.85
CA ILE A 108 -21.17 -6.16 7.84
C ILE A 108 -20.10 -5.89 8.90
N GLU A 109 -19.34 -6.92 9.26
CA GLU A 109 -18.23 -6.73 10.20
C GLU A 109 -17.18 -5.78 9.62
N LEU A 110 -16.80 -5.99 8.36
CA LEU A 110 -15.80 -5.14 7.72
C LEU A 110 -16.29 -3.69 7.66
N GLU A 111 -17.55 -3.48 7.27
CA GLU A 111 -18.08 -2.12 7.24
C GLU A 111 -18.11 -1.51 8.63
N ASN A 112 -18.47 -2.32 9.64
CA ASN A 112 -18.46 -1.84 11.02
C ASN A 112 -17.06 -1.52 11.51
N TYR A 113 -16.03 -2.10 10.89
CA TYR A 113 -14.65 -1.75 11.19
C TYR A 113 -14.26 -0.39 10.63
N GLY A 114 -15.08 0.20 9.76
CA GLY A 114 -14.75 1.45 9.12
C GLY A 114 -14.42 1.34 7.63
N MET A 115 -14.56 0.17 7.03
CA MET A 115 -14.27 0.01 5.61
C MET A 115 -15.13 0.97 4.79
N PRO A 116 -14.53 1.87 4.00
CA PRO A 116 -15.30 2.94 3.33
C PRO A 116 -15.99 2.47 2.06
N PHE A 117 -16.97 1.58 2.23
CA PHE A 117 -17.70 1.04 1.08
C PHE A 117 -18.41 2.16 0.32
N SER A 118 -18.57 1.95 -0.98
CA SER A 118 -19.42 2.82 -1.76
C SER A 118 -20.88 2.63 -1.34
N ARG A 119 -21.69 3.67 -1.52
CA ARG A 119 -23.02 3.73 -0.93
C ARG A 119 -24.10 3.84 -1.98
N THR A 120 -25.29 3.38 -1.62
CA THR A 120 -26.49 3.50 -2.44
C THR A 120 -27.29 4.71 -1.98
N GLU A 121 -28.44 4.93 -2.63
CA GLU A 121 -29.29 6.05 -2.25
C GLU A 121 -29.81 5.90 -0.84
N GLU A 122 -29.98 4.67 -0.36
CA GLU A 122 -30.46 4.41 0.99
C GLU A 122 -29.33 4.41 2.02
N GLY A 123 -28.09 4.64 1.61
CA GLY A 123 -26.98 4.66 2.53
C GLY A 123 -26.37 3.31 2.83
N LYS A 124 -26.80 2.25 2.14
CA LYS A 124 -26.28 0.91 2.37
C LYS A 124 -25.11 0.62 1.43
N ILE A 125 -24.50 -0.54 1.60
CA ILE A 125 -23.29 -0.88 0.86
C ILE A 125 -23.63 -1.10 -0.61
N TYR A 126 -22.89 -0.42 -1.49
CA TYR A 126 -23.11 -0.60 -2.92
C TYR A 126 -22.59 -1.95 -3.38
N GLN A 127 -23.39 -2.63 -4.21
CA GLN A 127 -23.05 -3.94 -4.75
C GLN A 127 -23.19 -3.90 -6.26
N ARG A 128 -22.17 -4.36 -6.96
CA ARG A 128 -22.17 -4.42 -8.41
C ARG A 128 -22.34 -5.85 -8.89
N ALA A 129 -22.68 -5.99 -10.17
CA ALA A 129 -22.74 -7.30 -10.78
C ALA A 129 -21.32 -7.84 -11.00
N PHE A 130 -21.20 -9.16 -10.99
CA PHE A 130 -19.91 -9.81 -11.21
C PHE A 130 -20.15 -11.12 -11.96
N GLY A 131 -19.08 -11.64 -12.54
CA GLY A 131 -19.18 -12.79 -13.42
C GLY A 131 -19.72 -14.05 -12.79
N GLY A 132 -20.72 -14.66 -13.43
CA GLY A 132 -21.24 -15.95 -13.00
C GLY A 132 -21.95 -15.93 -11.66
N GLN A 133 -22.85 -14.98 -11.47
CA GLN A 133 -23.67 -14.92 -10.25
C GLN A 133 -25.09 -14.56 -10.63
N SER A 134 -26.05 -15.28 -10.05
CA SER A 134 -27.44 -15.18 -10.47
C SER A 134 -28.36 -15.20 -9.27
N LEU A 135 -29.64 -14.97 -9.54
CA LEU A 135 -30.71 -15.07 -8.56
C LEU A 135 -31.56 -16.30 -8.87
N GLN A 136 -32.36 -16.71 -7.88
CA GLN A 136 -33.35 -17.79 -8.04
C GLN A 136 -32.68 -19.08 -8.50
N PHE A 137 -31.55 -19.43 -7.88
CA PHE A 137 -30.83 -20.68 -8.15
C PHE A 137 -30.51 -20.83 -9.64
N GLY A 138 -30.04 -19.76 -10.26
CA GLY A 138 -29.64 -19.81 -11.65
C GLY A 138 -30.73 -19.51 -12.65
N LYS A 139 -31.97 -19.30 -12.20
CA LYS A 139 -33.10 -19.07 -13.09
C LYS A 139 -33.72 -17.70 -12.88
N GLY A 140 -32.94 -16.73 -12.42
CA GLY A 140 -33.47 -15.42 -12.10
C GLY A 140 -32.66 -14.25 -12.62
N GLY A 141 -31.65 -14.53 -13.44
CA GLY A 141 -30.86 -13.47 -14.05
C GLY A 141 -29.72 -12.99 -13.18
N GLN A 142 -29.01 -11.99 -13.71
CA GLN A 142 -27.78 -11.51 -13.09
C GLN A 142 -28.04 -10.94 -11.70
N ALA A 143 -27.17 -11.31 -10.76
CA ALA A 143 -27.22 -10.82 -9.39
C ALA A 143 -26.21 -9.68 -9.18
N HIS A 144 -26.49 -8.86 -8.17
CA HIS A 144 -25.62 -7.73 -7.79
C HIS A 144 -25.32 -7.85 -6.31
N ARG A 145 -24.33 -8.67 -5.96
CA ARG A 145 -23.97 -8.89 -4.57
C ARG A 145 -22.48 -8.69 -4.31
N CYS A 146 -21.75 -8.09 -5.24
CA CYS A 146 -20.32 -7.83 -5.08
C CYS A 146 -20.15 -6.47 -4.42
N CYS A 147 -20.05 -6.47 -3.09
CA CYS A 147 -19.82 -5.24 -2.34
C CYS A 147 -18.41 -4.73 -2.62
N CYS A 148 -18.30 -3.41 -2.86
CA CYS A 148 -17.03 -2.88 -3.34
C CYS A 148 -16.79 -1.47 -2.81
N VAL A 149 -15.52 -1.11 -2.76
CA VAL A 149 -15.07 0.27 -2.56
C VAL A 149 -14.54 0.76 -3.90
N ALA A 150 -15.41 1.36 -4.72
CA ALA A 150 -15.09 1.67 -6.10
C ALA A 150 -14.48 0.44 -6.77
N ASP A 151 -13.25 0.56 -7.25
CA ASP A 151 -12.47 -0.59 -7.70
C ASP A 151 -11.17 -0.70 -6.91
N ARG A 152 -11.20 -0.29 -5.65
CA ARG A 152 -10.07 -0.39 -4.73
C ARG A 152 -10.49 -1.13 -3.47
N THR A 153 -11.26 -2.20 -3.63
CA THR A 153 -11.85 -2.87 -2.48
C THR A 153 -10.79 -3.52 -1.60
N GLY A 154 -9.84 -4.23 -2.21
CA GLY A 154 -8.81 -4.88 -1.42
C GLY A 154 -7.92 -3.90 -0.69
N HIS A 155 -7.59 -2.78 -1.34
CA HIS A 155 -6.84 -1.71 -0.69
C HIS A 155 -7.53 -1.29 0.61
N SER A 156 -8.81 -0.95 0.52
CA SER A 156 -9.54 -0.53 1.71
C SER A 156 -9.80 -1.69 2.66
N LEU A 157 -9.93 -2.91 2.15
CA LEU A 157 -10.11 -4.06 3.04
C LEU A 157 -8.86 -4.29 3.88
N LEU A 158 -7.69 -4.31 3.24
CA LEU A 158 -6.45 -4.60 3.97
C LEU A 158 -6.09 -3.46 4.92
N HIS A 159 -6.29 -2.21 4.50
CA HIS A 159 -6.00 -1.09 5.40
C HIS A 159 -6.98 -1.02 6.55
N THR A 160 -8.23 -1.47 6.33
CA THR A 160 -9.18 -1.53 7.44
C THR A 160 -8.81 -2.63 8.42
N LEU A 161 -8.43 -3.81 7.92
CA LEU A 161 -8.04 -4.89 8.81
C LEU A 161 -6.77 -4.55 9.59
N TYR A 162 -5.79 -3.93 8.91
CA TYR A 162 -4.57 -3.53 9.62
C TYR A 162 -4.87 -2.51 10.69
N GLY A 163 -5.72 -1.53 10.39
CA GLY A 163 -6.11 -0.55 11.40
C GLY A 163 -6.79 -1.20 12.58
N ARG A 164 -7.73 -2.12 12.32
CA ARG A 164 -8.42 -2.81 13.40
C ARG A 164 -7.46 -3.63 14.24
N SER A 165 -6.45 -4.21 13.61
CA SER A 165 -5.50 -5.06 14.32
C SER A 165 -4.62 -4.27 15.29
N LEU A 166 -4.55 -2.94 15.14
CA LEU A 166 -3.77 -2.13 16.06
C LEU A 166 -4.39 -2.02 17.44
N ARG A 167 -5.66 -2.42 17.60
CA ARG A 167 -6.33 -2.31 18.88
C ARG A 167 -6.01 -3.48 19.81
N TYR A 168 -5.49 -4.58 19.28
CA TYR A 168 -5.29 -5.81 20.05
C TYR A 168 -3.81 -6.02 20.33
N ASP A 169 -3.53 -7.02 21.18
CA ASP A 169 -2.19 -7.27 21.69
C ASP A 169 -1.39 -8.25 20.84
N THR A 170 -1.66 -8.31 19.54
CA THR A 170 -0.92 -9.19 18.66
C THR A 170 0.53 -8.75 18.54
N SER A 171 1.45 -9.70 18.70
CA SER A 171 2.88 -9.44 18.58
C SER A 171 3.29 -9.63 17.12
N TYR A 172 3.61 -8.54 16.44
CA TYR A 172 3.96 -8.59 15.03
C TYR A 172 5.47 -8.75 14.84
N PHE A 173 5.83 -9.47 13.79
CA PHE A 173 7.23 -9.69 13.41
C PHE A 173 7.28 -9.40 11.91
N VAL A 174 7.45 -8.12 11.57
CA VAL A 174 7.34 -7.66 10.19
C VAL A 174 8.67 -7.87 9.47
N GLU A 175 8.59 -8.27 8.20
CA GLU A 175 9.75 -8.60 7.38
C GLU A 175 10.55 -9.75 8.01
N TYR A 176 9.83 -10.78 8.41
CA TYR A 176 10.38 -12.06 8.82
C TYR A 176 9.99 -13.11 7.78
N PHE A 177 10.96 -13.89 7.32
CA PHE A 177 10.74 -14.86 6.26
C PHE A 177 10.64 -16.26 6.89
N ALA A 178 9.45 -16.83 6.86
CA ALA A 178 9.25 -18.18 7.39
C ALA A 178 9.95 -19.19 6.51
N LEU A 179 10.81 -20.01 7.11
CA LEU A 179 11.58 -21.00 6.37
C LEU A 179 10.83 -22.33 6.27
N ASP A 180 10.50 -22.95 7.39
CA ASP A 180 9.81 -24.22 7.40
C ASP A 180 8.95 -24.32 8.66
N LEU A 181 8.17 -25.39 8.72
CA LEU A 181 7.39 -25.72 9.91
C LEU A 181 8.23 -26.57 10.86
N LEU A 182 7.83 -26.56 12.13
CA LEU A 182 8.50 -27.36 13.16
C LEU A 182 7.58 -28.55 13.47
N MET A 183 7.82 -29.66 12.77
CA MET A 183 7.00 -30.85 12.88
C MET A 183 7.63 -31.85 13.82
N GLU A 184 6.82 -32.40 14.73
CA GLU A 184 7.26 -33.48 15.61
C GLU A 184 6.10 -34.44 15.80
N ASN A 185 6.29 -35.70 15.40
CA ASN A 185 5.29 -36.76 15.56
C ASN A 185 3.96 -36.37 14.89
N GLY A 186 4.08 -35.86 13.67
CA GLY A 186 2.91 -35.49 12.89
C GLY A 186 2.19 -34.24 13.34
N GLU A 187 2.68 -33.56 14.37
CA GLU A 187 2.07 -32.35 14.88
C GLU A 187 2.94 -31.15 14.56
N CYS A 188 2.30 -29.99 14.43
CA CYS A 188 3.03 -28.75 14.19
C CYS A 188 3.30 -28.07 15.53
N ARG A 189 4.57 -27.84 15.83
CA ARG A 189 4.97 -27.13 17.04
C ARG A 189 5.22 -25.65 16.79
N GLY A 190 5.25 -25.21 15.55
CA GLY A 190 5.48 -23.82 15.22
C GLY A 190 6.20 -23.71 13.90
N VAL A 191 6.85 -22.55 13.70
CA VAL A 191 7.55 -22.24 12.46
C VAL A 191 8.89 -21.61 12.79
N ILE A 192 9.88 -21.90 11.96
CA ILE A 192 11.20 -21.26 12.05
C ILE A 192 11.30 -20.24 10.93
N ALA A 193 11.78 -19.04 11.27
CA ALA A 193 11.79 -17.92 10.34
C ALA A 193 13.15 -17.24 10.35
N LEU A 194 13.32 -16.31 9.40
CA LEU A 194 14.54 -15.51 9.28
C LEU A 194 14.18 -14.04 9.42
N CYS A 195 14.87 -13.35 10.32
CA CYS A 195 14.69 -11.91 10.46
C CYS A 195 15.48 -11.20 9.37
N ILE A 196 14.78 -10.45 8.51
CA ILE A 196 15.47 -9.79 7.41
C ILE A 196 16.22 -8.56 7.88
N GLU A 197 15.72 -7.89 8.93
CA GLU A 197 16.32 -6.63 9.35
C GLU A 197 17.72 -6.82 9.92
N ASP A 198 17.93 -7.88 10.71
CA ASP A 198 19.24 -8.10 11.32
C ASP A 198 19.86 -9.46 10.99
N GLY A 199 19.15 -10.34 10.28
CA GLY A 199 19.74 -11.60 9.85
C GLY A 199 19.79 -12.69 10.89
N THR A 200 18.86 -12.68 11.85
CA THR A 200 18.83 -13.68 12.89
C THR A 200 17.72 -14.71 12.63
N ILE A 201 17.98 -15.94 13.03
CA ILE A 201 17.01 -17.03 12.89
C ILE A 201 16.15 -17.09 14.14
N HIS A 202 14.83 -17.14 13.95
CA HIS A 202 13.87 -17.14 15.05
C HIS A 202 12.99 -18.38 14.96
N ARG A 203 12.96 -19.16 16.04
CA ARG A 203 12.06 -20.30 16.14
C ARG A 203 10.86 -19.90 17.01
N PHE A 204 9.67 -19.95 16.42
CA PHE A 204 8.44 -19.66 17.12
C PHE A 204 7.76 -20.98 17.51
N ARG A 205 7.58 -21.19 18.81
CA ARG A 205 6.91 -22.37 19.31
C ARG A 205 5.48 -22.01 19.70
N ALA A 206 4.52 -22.80 19.22
CA ALA A 206 3.12 -22.52 19.49
C ALA A 206 2.32 -23.81 19.39
N LYS A 207 1.19 -23.84 20.09
CA LYS A 207 0.31 -25.00 20.04
C LYS A 207 -0.52 -25.05 18.77
N ASN A 208 -0.62 -23.94 18.05
CA ASN A 208 -1.41 -23.87 16.82
C ASN A 208 -0.75 -22.89 15.86
N THR A 209 -0.62 -23.31 14.60
CA THR A 209 -0.03 -22.48 13.56
C THR A 209 -1.03 -22.30 12.42
N VAL A 210 -1.20 -21.06 11.97
CA VAL A 210 -2.10 -20.72 10.88
C VAL A 210 -1.26 -20.23 9.70
N ILE A 211 -1.51 -20.79 8.52
CA ILE A 211 -0.76 -20.49 7.31
C ILE A 211 -1.66 -19.69 6.38
N ALA A 212 -1.33 -18.41 6.18
CA ALA A 212 -2.08 -17.53 5.28
C ALA A 212 -1.11 -16.74 4.40
N THR A 213 -0.33 -17.47 3.60
CA THR A 213 0.78 -16.89 2.87
C THR A 213 0.44 -16.57 1.41
N GLY A 214 -0.83 -16.59 1.04
CA GLY A 214 -1.22 -16.21 -0.31
C GLY A 214 -0.91 -17.28 -1.34
N GLY A 215 -1.00 -16.87 -2.60
CA GLY A 215 -0.84 -17.77 -3.73
C GLY A 215 0.59 -17.87 -4.22
N TYR A 216 0.73 -18.46 -5.41
CA TYR A 216 2.03 -18.65 -6.04
C TYR A 216 1.94 -18.33 -7.52
N GLY A 217 1.23 -17.26 -7.87
CA GLY A 217 1.06 -16.90 -9.27
C GLY A 217 2.36 -16.56 -9.99
N ARG A 218 3.44 -16.34 -9.25
CA ARG A 218 4.72 -15.99 -9.86
C ARG A 218 5.43 -17.18 -10.50
N THR A 219 4.81 -18.37 -10.51
CA THR A 219 5.39 -19.48 -11.25
C THR A 219 5.29 -19.29 -12.75
N TYR A 220 4.49 -18.34 -13.21
CA TYR A 220 4.30 -18.09 -14.63
C TYR A 220 5.01 -16.79 -15.03
N PHE A 221 5.21 -16.64 -16.34
CA PHE A 221 5.88 -15.45 -16.87
C PHE A 221 5.02 -14.21 -16.68
N SER A 222 3.80 -14.24 -17.20
CA SER A 222 2.86 -13.14 -17.06
C SER A 222 1.81 -13.50 -16.02
N CYS A 223 1.64 -12.62 -15.03
CA CYS A 223 0.67 -12.85 -13.97
C CYS A 223 0.30 -11.52 -13.33
N THR A 224 -0.96 -11.38 -12.94
CA THR A 224 -1.39 -10.19 -12.21
C THR A 224 -0.88 -10.16 -10.78
N SER A 225 -0.23 -11.23 -10.32
CA SER A 225 0.22 -11.32 -8.94
C SER A 225 1.44 -10.43 -8.71
N ALA A 226 1.67 -10.12 -7.44
CA ALA A 226 2.83 -9.33 -7.05
C ALA A 226 4.08 -10.21 -7.04
N HIS A 227 5.25 -9.55 -6.97
CA HIS A 227 6.52 -10.26 -6.94
C HIS A 227 6.68 -11.10 -5.67
N THR A 228 5.86 -10.85 -4.65
CA THR A 228 5.97 -11.56 -3.38
C THR A 228 4.99 -12.72 -3.26
N SER A 229 4.24 -13.02 -4.32
CA SER A 229 3.31 -14.15 -4.33
C SER A 229 4.05 -15.40 -4.82
N THR A 230 4.89 -15.94 -3.94
CA THR A 230 5.78 -17.05 -4.28
C THR A 230 5.40 -18.35 -3.59
N GLY A 231 4.20 -18.43 -3.00
CA GLY A 231 3.74 -19.65 -2.38
C GLY A 231 4.64 -20.22 -1.31
N ASP A 232 5.09 -19.35 -0.40
CA ASP A 232 6.06 -19.78 0.60
C ASP A 232 5.45 -20.77 1.59
N GLY A 233 4.21 -20.53 2.02
CA GLY A 233 3.57 -21.46 2.93
C GLY A 233 3.21 -22.78 2.27
N THR A 234 2.85 -22.74 0.99
CA THR A 234 2.55 -23.98 0.27
C THR A 234 3.76 -24.90 0.22
N ALA A 235 4.95 -24.33 0.09
CA ALA A 235 6.17 -25.14 0.05
C ALA A 235 6.57 -25.67 1.42
N MET A 236 6.31 -24.89 2.49
CA MET A 236 6.62 -25.37 3.83
C MET A 236 5.82 -26.62 4.14
N VAL A 237 4.55 -26.66 3.75
CA VAL A 237 3.73 -27.85 3.94
C VAL A 237 4.27 -29.01 3.11
N THR A 238 4.75 -28.70 1.90
CA THR A 238 5.32 -29.74 1.05
C THR A 238 6.60 -30.31 1.65
N ARG A 239 7.48 -29.45 2.15
CA ARG A 239 8.73 -29.92 2.76
C ARG A 239 8.49 -30.68 4.05
N ALA A 240 7.34 -30.48 4.70
CA ALA A 240 7.00 -31.22 5.91
C ALA A 240 6.44 -32.60 5.63
N GLY A 241 6.45 -33.05 4.37
CA GLY A 241 5.90 -34.34 4.04
C GLY A 241 4.40 -34.40 4.02
N LEU A 242 3.74 -33.26 3.81
CA LEU A 242 2.29 -33.17 3.78
C LEU A 242 1.78 -32.86 2.38
N PRO A 243 0.53 -33.20 2.08
CA PRO A 243 0.02 -33.02 0.71
C PRO A 243 -0.56 -31.65 0.45
N CYS A 244 -0.54 -31.27 -0.83
CA CYS A 244 -1.24 -30.11 -1.33
C CYS A 244 -2.37 -30.58 -2.25
N GLN A 245 -3.40 -29.76 -2.36
CA GLN A 245 -4.65 -30.15 -3.02
C GLN A 245 -4.92 -29.28 -4.23
N ASP A 246 -5.19 -29.92 -5.37
CA ASP A 246 -5.76 -29.27 -6.56
C ASP A 246 -4.86 -28.16 -7.10
N LEU A 247 -3.55 -28.36 -7.01
CA LEU A 247 -2.62 -27.31 -7.43
C LEU A 247 -2.61 -27.08 -8.93
N GLU A 248 -3.14 -28.02 -9.72
CA GLU A 248 -3.14 -27.87 -11.17
C GLU A 248 -4.24 -26.94 -11.68
N PHE A 249 -5.11 -26.43 -10.81
CA PHE A 249 -6.20 -25.55 -11.21
C PHE A 249 -5.75 -24.11 -10.98
N VAL A 250 -5.20 -23.50 -12.02
CA VAL A 250 -4.74 -22.11 -11.99
C VAL A 250 -5.77 -21.26 -12.73
N GLN A 251 -6.31 -20.25 -12.04
CA GLN A 251 -7.31 -19.38 -12.65
C GLN A 251 -6.63 -18.34 -13.53
N PHE A 252 -7.12 -18.20 -14.76
CA PHE A 252 -6.68 -17.17 -15.69
C PHE A 252 -7.74 -16.08 -15.72
N HIS A 253 -7.41 -14.92 -15.17
CA HIS A 253 -8.34 -13.80 -15.23
C HIS A 253 -8.49 -13.33 -16.68
N PRO A 254 -9.70 -13.00 -17.12
CA PRO A 254 -9.87 -12.58 -18.52
C PRO A 254 -9.15 -11.29 -18.86
N THR A 255 -9.31 -10.24 -18.06
CA THR A 255 -8.86 -8.90 -18.44
C THR A 255 -7.65 -8.49 -17.60
N GLY A 256 -6.51 -9.08 -17.92
CA GLY A 256 -5.22 -8.58 -17.47
C GLY A 256 -4.62 -7.71 -18.57
N ILE A 257 -4.22 -6.50 -18.19
CA ILE A 257 -3.81 -5.51 -19.19
C ILE A 257 -2.66 -6.05 -20.02
N TYR A 258 -2.67 -5.71 -21.31
CA TYR A 258 -1.68 -6.24 -22.23
C TYR A 258 -0.32 -5.57 -22.00
N GLY A 259 0.71 -6.40 -21.87
CA GLY A 259 2.05 -5.90 -21.63
C GLY A 259 2.50 -6.04 -20.19
N ALA A 260 2.06 -5.11 -19.33
CA ALA A 260 2.49 -5.14 -17.94
C ALA A 260 1.78 -6.22 -17.13
N GLY A 261 0.68 -6.76 -17.63
CA GLY A 261 -0.04 -7.80 -16.93
C GLY A 261 -0.83 -7.34 -15.72
N CYS A 262 -0.89 -6.04 -15.46
CA CYS A 262 -1.69 -5.53 -14.36
C CYS A 262 -3.16 -5.86 -14.57
N LEU A 263 -3.89 -6.01 -13.47
CA LEU A 263 -5.28 -6.43 -13.56
C LEU A 263 -6.19 -5.27 -13.90
N ILE A 264 -7.12 -5.53 -14.83
CA ILE A 264 -8.25 -4.65 -15.08
C ILE A 264 -9.49 -5.35 -14.54
N THR A 265 -10.12 -4.73 -13.54
CA THR A 265 -11.11 -5.43 -12.73
C THR A 265 -12.28 -5.94 -13.56
N GLU A 266 -12.78 -7.12 -13.17
CA GLU A 266 -14.02 -7.65 -13.76
C GLU A 266 -15.20 -6.73 -13.51
N GLY A 267 -15.08 -5.82 -12.55
CA GLY A 267 -16.09 -4.78 -12.36
C GLY A 267 -16.30 -3.92 -13.59
N CYS A 268 -15.32 -3.85 -14.49
CA CYS A 268 -15.50 -3.15 -15.76
C CYS A 268 -16.65 -3.78 -16.55
N ARG A 269 -16.65 -5.11 -16.64
CA ARG A 269 -17.78 -5.80 -17.26
C ARG A 269 -19.02 -5.76 -16.39
N GLY A 270 -18.84 -5.73 -15.07
CA GLY A 270 -19.99 -5.66 -14.18
C GLY A 270 -20.74 -4.35 -14.27
N GLU A 271 -20.06 -3.29 -14.69
CA GLU A 271 -20.70 -1.99 -14.88
C GLU A 271 -21.21 -1.78 -16.29
N GLY A 272 -20.83 -2.64 -17.23
CA GLY A 272 -21.32 -2.52 -18.60
C GLY A 272 -20.28 -2.71 -19.68
N GLY A 273 -19.04 -2.96 -19.29
CA GLY A 273 -17.98 -3.14 -20.26
C GLY A 273 -18.12 -4.44 -21.03
N ILE A 274 -17.70 -4.41 -22.30
CA ILE A 274 -17.82 -5.56 -23.19
C ILE A 274 -16.45 -5.85 -23.80
N LEU A 275 -16.31 -7.09 -24.26
CA LEU A 275 -15.08 -7.56 -24.89
C LEU A 275 -15.23 -7.53 -26.41
N ILE A 276 -14.21 -7.02 -27.09
CA ILE A 276 -14.27 -6.78 -28.54
C ILE A 276 -13.07 -7.45 -29.19
N ASN A 277 -13.32 -8.16 -30.29
CA ASN A 277 -12.25 -8.81 -31.04
C ASN A 277 -11.77 -7.88 -32.16
N SER A 278 -11.01 -8.43 -33.12
CA SER A 278 -10.42 -7.60 -34.17
C SER A 278 -11.47 -7.08 -35.14
N GLN A 279 -12.60 -7.76 -35.27
CA GLN A 279 -13.65 -7.36 -36.20
C GLN A 279 -14.78 -6.60 -35.51
N GLY A 280 -14.57 -6.14 -34.28
CA GLY A 280 -15.56 -5.34 -33.59
C GLY A 280 -16.71 -6.10 -32.97
N GLU A 281 -16.61 -7.42 -32.86
CA GLU A 281 -17.72 -8.23 -32.37
C GLU A 281 -17.63 -8.43 -30.87
N ARG A 282 -18.77 -8.28 -30.19
CA ARG A 282 -18.91 -8.67 -28.79
C ARG A 282 -19.06 -10.19 -28.76
N PHE A 283 -17.94 -10.88 -28.94
CA PHE A 283 -17.95 -12.31 -29.23
C PHE A 283 -18.52 -13.15 -28.09
N MET A 284 -18.63 -12.59 -26.89
CA MET A 284 -19.18 -13.36 -25.78
C MET A 284 -20.67 -13.63 -25.94
N GLU A 285 -21.35 -12.89 -26.82
CA GLU A 285 -22.73 -13.22 -27.14
C GLU A 285 -22.86 -14.56 -27.85
N ARG A 286 -21.76 -15.11 -28.35
CA ARG A 286 -21.73 -16.39 -29.05
C ARG A 286 -21.28 -17.53 -28.16
N TYR A 287 -20.32 -17.30 -27.26
CA TYR A 287 -19.85 -18.35 -26.37
C TYR A 287 -20.81 -18.56 -25.20
N ALA A 288 -21.32 -17.48 -24.62
CA ALA A 288 -22.28 -17.53 -23.53
C ALA A 288 -23.45 -16.62 -23.88
N PRO A 289 -24.46 -17.15 -24.58
CA PRO A 289 -25.58 -16.30 -25.01
C PRO A 289 -26.34 -15.65 -23.86
N VAL A 290 -26.30 -16.24 -22.67
CA VAL A 290 -27.03 -15.69 -21.53
C VAL A 290 -26.14 -14.79 -20.67
N ALA A 291 -24.96 -15.29 -20.29
CA ALA A 291 -24.09 -14.53 -19.40
C ALA A 291 -23.24 -13.51 -20.12
N LYS A 292 -22.89 -13.79 -21.38
CA LYS A 292 -22.09 -12.89 -22.23
C LYS A 292 -20.76 -12.63 -21.53
N ASP A 293 -20.34 -11.37 -21.36
CA ASP A 293 -19.06 -11.07 -20.74
C ASP A 293 -19.04 -11.39 -19.25
N LEU A 294 -20.17 -11.71 -18.65
CA LEU A 294 -20.25 -12.04 -17.24
C LEU A 294 -20.35 -13.54 -16.99
N ALA A 295 -19.82 -14.36 -17.91
CA ALA A 295 -19.72 -15.79 -17.68
C ALA A 295 -18.57 -16.08 -16.72
N SER A 296 -18.40 -17.35 -16.38
CA SER A 296 -17.31 -17.74 -15.49
C SER A 296 -15.95 -17.43 -16.13
N ARG A 297 -14.95 -17.26 -15.28
CA ARG A 297 -13.63 -16.83 -15.76
C ARG A 297 -12.95 -17.90 -16.58
N ASP A 298 -13.16 -19.17 -16.26
CA ASP A 298 -12.57 -20.23 -17.07
C ASP A 298 -13.17 -20.26 -18.47
N VAL A 299 -14.44 -19.87 -18.61
CA VAL A 299 -15.09 -19.84 -19.91
C VAL A 299 -14.60 -18.63 -20.71
N VAL A 300 -14.52 -17.46 -20.08
CA VAL A 300 -14.13 -16.26 -20.81
C VAL A 300 -12.66 -16.36 -21.23
N SER A 301 -11.79 -16.82 -20.32
CA SER A 301 -10.37 -16.95 -20.66
C SER A 301 -10.15 -17.91 -21.82
N ARG A 302 -10.94 -18.98 -21.88
CA ARG A 302 -10.87 -19.87 -23.04
C ARG A 302 -11.43 -19.21 -24.28
N SER A 303 -12.54 -18.48 -24.14
CA SER A 303 -13.17 -17.82 -25.28
C SER A 303 -12.22 -16.80 -25.91
N MET A 304 -11.57 -15.98 -25.07
CA MET A 304 -10.63 -14.99 -25.60
C MET A 304 -9.41 -15.66 -26.21
N THR A 305 -8.92 -16.74 -25.61
CA THR A 305 -7.73 -17.42 -26.12
C THR A 305 -8.00 -18.05 -27.48
N ILE A 306 -9.22 -18.56 -27.70
CA ILE A 306 -9.56 -19.17 -28.97
C ILE A 306 -9.59 -18.11 -30.08
N GLU A 307 -10.16 -16.93 -29.78
CA GLU A 307 -10.23 -15.87 -30.78
C GLU A 307 -8.85 -15.40 -31.22
N ILE A 308 -7.88 -15.45 -30.31
CA ILE A 308 -6.53 -14.99 -30.66
C ILE A 308 -5.85 -15.98 -31.59
N ARG A 309 -5.79 -17.26 -31.21
CA ARG A 309 -5.09 -18.24 -32.02
C ARG A 309 -5.81 -18.53 -33.33
N GLU A 310 -7.11 -18.24 -33.42
CA GLU A 310 -7.83 -18.40 -34.67
C GLU A 310 -7.66 -17.20 -35.61
N GLY A 311 -6.92 -16.18 -35.19
CA GLY A 311 -6.55 -15.09 -36.07
C GLY A 311 -7.31 -13.80 -35.90
N ARG A 312 -8.20 -13.71 -34.91
CA ARG A 312 -8.97 -12.49 -34.68
C ARG A 312 -8.44 -11.69 -33.49
N GLY A 313 -7.13 -11.68 -33.30
CA GLY A 313 -6.54 -10.88 -32.23
C GLY A 313 -6.32 -9.44 -32.64
N CYS A 314 -6.23 -8.58 -31.63
CA CYS A 314 -6.03 -7.15 -31.84
C CYS A 314 -4.55 -6.79 -31.65
N GLY A 315 -4.22 -5.57 -32.04
CA GLY A 315 -2.85 -5.09 -31.92
C GLY A 315 -2.01 -5.46 -33.13
N PRO A 316 -0.78 -4.95 -33.19
CA PRO A 316 0.09 -5.25 -34.34
C PRO A 316 0.57 -6.69 -34.39
N GLU A 317 0.36 -7.48 -33.34
CA GLU A 317 0.76 -8.87 -33.32
C GLU A 317 -0.41 -9.84 -33.28
N LYS A 318 -1.64 -9.34 -33.24
CA LYS A 318 -2.84 -10.17 -33.19
C LYS A 318 -2.79 -11.12 -31.98
N ASP A 319 -2.45 -10.56 -30.83
CA ASP A 319 -2.17 -11.35 -29.63
C ASP A 319 -3.00 -10.95 -28.42
N HIS A 320 -3.99 -10.09 -28.58
CA HIS A 320 -4.86 -9.70 -27.47
C HIS A 320 -6.18 -9.21 -28.04
N VAL A 321 -7.11 -8.86 -27.15
CA VAL A 321 -8.40 -8.31 -27.50
C VAL A 321 -8.59 -6.97 -26.78
N TYR A 322 -9.76 -6.38 -26.97
CA TYR A 322 -10.08 -5.07 -26.42
C TYR A 322 -11.19 -5.17 -25.39
N LEU A 323 -11.03 -4.47 -24.27
CA LEU A 323 -12.08 -4.27 -23.29
C LEU A 323 -12.60 -2.84 -23.47
N GLN A 324 -13.85 -2.73 -23.95
CA GLN A 324 -14.41 -1.44 -24.30
C GLN A 324 -15.22 -0.89 -23.12
N LEU A 325 -14.88 0.33 -22.69
CA LEU A 325 -15.62 1.02 -21.65
C LEU A 325 -16.12 2.39 -22.07
N HIS A 326 -15.61 2.94 -23.18
CA HIS A 326 -15.93 4.32 -23.57
C HIS A 326 -17.40 4.53 -23.92
N HIS A 327 -18.18 3.46 -24.05
CA HIS A 327 -19.63 3.61 -24.23
C HIS A 327 -20.35 3.90 -22.93
N LEU A 328 -19.67 3.75 -21.78
CA LEU A 328 -20.23 4.06 -20.48
C LEU A 328 -20.05 5.53 -20.16
N PRO A 329 -20.98 6.13 -19.40
CA PRO A 329 -20.86 7.55 -19.09
C PRO A 329 -19.59 7.83 -18.31
N PRO A 330 -18.97 8.99 -18.54
CA PRO A 330 -17.71 9.29 -17.83
C PRO A 330 -17.88 9.44 -16.33
N GLN A 331 -19.04 9.91 -15.86
CA GLN A 331 -19.26 10.03 -14.43
C GLN A 331 -19.29 8.66 -13.76
N GLN A 332 -19.84 7.65 -14.44
CA GLN A 332 -19.83 6.29 -13.91
C GLN A 332 -18.41 5.75 -13.86
N LEU A 333 -17.62 5.97 -14.92
CA LEU A 333 -16.25 5.47 -14.95
C LEU A 333 -15.42 6.07 -13.82
N ALA A 334 -15.64 7.35 -13.51
CA ALA A 334 -14.88 7.99 -12.45
C ALA A 334 -15.35 7.56 -11.06
N THR A 335 -16.64 7.23 -10.92
CA THR A 335 -17.16 6.84 -9.61
C THR A 335 -16.93 5.34 -9.34
N ARG A 336 -17.27 4.49 -10.31
CA ARG A 336 -17.22 3.05 -10.11
C ARG A 336 -15.86 2.44 -10.40
N LEU A 337 -15.08 3.00 -11.34
CA LEU A 337 -13.82 2.41 -11.76
C LEU A 337 -12.73 3.49 -11.88
N PRO A 338 -12.42 4.20 -10.79
CA PRO A 338 -11.38 5.23 -10.89
C PRO A 338 -9.97 4.64 -10.94
N GLY A 339 -9.79 3.46 -10.35
CA GLY A 339 -8.46 2.86 -10.27
C GLY A 339 -7.96 2.40 -11.62
N ILE A 340 -8.77 1.61 -12.33
CA ILE A 340 -8.34 1.11 -13.64
C ILE A 340 -8.26 2.22 -14.67
N SER A 341 -9.04 3.30 -14.47
CA SER A 341 -8.90 4.46 -15.34
C SER A 341 -7.48 5.02 -15.29
N GLU A 342 -6.95 5.19 -14.07
CA GLU A 342 -5.58 5.67 -13.91
C GLU A 342 -4.58 4.62 -14.39
N THR A 343 -4.82 3.34 -14.08
CA THR A 343 -3.88 2.28 -14.44
C THR A 343 -3.79 2.08 -15.94
N ALA A 344 -4.93 2.14 -16.63
CA ALA A 344 -4.92 2.00 -18.09
C ALA A 344 -4.13 3.11 -18.75
N MET A 345 -4.13 4.31 -18.17
CA MET A 345 -3.35 5.41 -18.72
C MET A 345 -1.86 5.22 -18.45
N ILE A 346 -1.51 4.77 -17.24
CA ILE A 346 -0.11 4.67 -16.86
C ILE A 346 0.59 3.57 -17.64
N PHE A 347 0.01 2.37 -17.67
CA PHE A 347 0.65 1.19 -18.24
C PHE A 347 0.18 0.88 -19.66
N ALA A 348 -0.59 1.77 -20.28
CA ALA A 348 -1.01 1.55 -21.66
C ALA A 348 -1.33 2.82 -22.41
N GLY A 349 -1.22 4.00 -21.80
CA GLY A 349 -1.55 5.24 -22.47
C GLY A 349 -2.98 5.34 -22.94
N VAL A 350 -3.88 4.54 -22.36
CA VAL A 350 -5.26 4.46 -22.81
C VAL A 350 -6.11 5.41 -21.99
N ASP A 351 -6.95 6.19 -22.66
CA ASP A 351 -8.00 6.97 -22.01
C ASP A 351 -9.29 6.15 -22.11
N VAL A 352 -9.77 5.65 -20.97
CA VAL A 352 -10.90 4.73 -20.97
C VAL A 352 -12.17 5.39 -21.48
N THR A 353 -12.23 6.73 -21.50
CA THR A 353 -13.39 7.42 -22.04
C THR A 353 -13.38 7.48 -23.56
N LYS A 354 -12.28 7.11 -24.21
CA LYS A 354 -12.17 7.23 -25.66
C LYS A 354 -11.81 5.91 -26.32
N GLU A 355 -10.78 5.23 -25.81
CA GLU A 355 -10.28 4.03 -26.44
C GLU A 355 -10.42 2.82 -25.53
N PRO A 356 -10.56 1.62 -26.09
CA PRO A 356 -10.66 0.42 -25.26
C PRO A 356 -9.31 0.01 -24.69
N ILE A 357 -9.37 -0.83 -23.67
CA ILE A 357 -8.17 -1.32 -22.97
C ILE A 357 -7.70 -2.61 -23.62
N PRO A 358 -6.43 -2.74 -23.98
CA PRO A 358 -5.92 -4.01 -24.53
C PRO A 358 -5.72 -5.02 -23.41
N VAL A 359 -6.48 -6.11 -23.47
CA VAL A 359 -6.49 -7.11 -22.41
C VAL A 359 -6.29 -8.50 -23.00
N LEU A 360 -5.82 -9.41 -22.16
CA LEU A 360 -5.67 -10.81 -22.52
C LEU A 360 -5.65 -11.63 -21.23
N PRO A 361 -5.97 -12.92 -21.31
CA PRO A 361 -5.96 -13.75 -20.09
C PRO A 361 -4.61 -13.74 -19.40
N THR A 362 -4.65 -13.72 -18.07
CA THR A 362 -3.45 -13.57 -17.25
C THR A 362 -3.61 -14.40 -15.98
N VAL A 363 -2.53 -15.05 -15.56
CA VAL A 363 -2.55 -15.80 -14.31
C VAL A 363 -2.92 -14.86 -13.17
N HIS A 364 -3.84 -15.31 -12.32
CA HIS A 364 -4.46 -14.40 -11.36
C HIS A 364 -4.57 -15.01 -9.96
N TYR A 365 -4.99 -16.27 -9.90
CA TYR A 365 -5.36 -16.88 -8.62
C TYR A 365 -5.16 -18.39 -8.72
N ASN A 366 -4.83 -18.99 -7.58
CA ASN A 366 -4.63 -20.44 -7.47
C ASN A 366 -5.77 -21.04 -6.67
N MET A 367 -6.63 -21.82 -7.33
CA MET A 367 -7.70 -22.50 -6.62
C MET A 367 -7.18 -23.54 -5.65
N GLY A 368 -6.05 -24.18 -5.99
CA GLY A 368 -5.46 -25.18 -5.12
C GLY A 368 -4.71 -24.58 -3.96
N GLY A 369 -4.13 -25.45 -3.16
CA GLY A 369 -3.34 -25.02 -2.01
C GLY A 369 -3.35 -26.09 -0.93
N ILE A 370 -3.21 -25.63 0.30
CA ILE A 370 -3.15 -26.51 1.47
C ILE A 370 -4.55 -27.02 1.78
N PRO A 371 -4.78 -28.34 1.76
CA PRO A 371 -6.13 -28.85 1.98
C PRO A 371 -6.55 -28.69 3.45
N THR A 372 -7.69 -28.05 3.66
CA THR A 372 -8.30 -27.94 4.97
C THR A 372 -9.73 -28.46 4.91
N ASN A 373 -10.45 -28.32 6.02
CA ASN A 373 -11.88 -28.55 6.07
C ASN A 373 -12.57 -27.20 6.28
N TYR A 374 -13.88 -27.23 6.55
CA TYR A 374 -14.61 -25.97 6.70
C TYR A 374 -14.27 -25.25 7.99
N LYS A 375 -13.55 -25.89 8.91
CA LYS A 375 -13.10 -25.24 10.12
C LYS A 375 -11.72 -24.60 9.96
N GLY A 376 -11.03 -24.83 8.85
CA GLY A 376 -9.71 -24.29 8.63
C GLY A 376 -8.57 -25.18 9.07
N GLN A 377 -8.85 -26.43 9.45
CA GLN A 377 -7.83 -27.34 9.95
C GLN A 377 -7.21 -28.12 8.80
N VAL A 378 -5.88 -28.08 8.71
CA VAL A 378 -5.18 -28.80 7.65
C VAL A 378 -5.37 -30.29 7.82
N ILE A 379 -5.68 -30.97 6.72
CA ILE A 379 -5.96 -32.40 6.74
C ILE A 379 -4.99 -33.12 5.81
N THR A 380 -4.72 -34.38 6.15
CA THR A 380 -3.99 -35.30 5.29
C THR A 380 -4.85 -36.55 5.09
N HIS A 381 -4.61 -37.25 3.98
CA HIS A 381 -5.39 -38.41 3.60
C HIS A 381 -4.60 -39.67 3.87
N VAL A 382 -5.09 -40.49 4.81
CA VAL A 382 -4.45 -41.75 5.19
C VAL A 382 -5.50 -42.84 5.09
N ASN A 383 -5.35 -43.71 4.08
CA ASN A 383 -6.21 -44.88 3.91
C ASN A 383 -7.68 -44.50 3.78
N GLY A 384 -7.95 -43.40 3.07
CA GLY A 384 -9.31 -43.03 2.73
C GLY A 384 -10.04 -42.18 3.74
N GLU A 385 -9.41 -41.82 4.86
CA GLU A 385 -10.03 -40.95 5.85
C GLU A 385 -9.23 -39.67 5.99
N ASP A 386 -9.94 -38.60 6.35
CA ASP A 386 -9.34 -37.27 6.48
C ASP A 386 -8.78 -37.10 7.89
N LYS A 387 -7.45 -37.18 8.01
CA LYS A 387 -6.77 -36.98 9.28
C LYS A 387 -6.45 -35.50 9.45
N VAL A 388 -7.03 -34.88 10.48
CA VAL A 388 -6.70 -33.50 10.81
C VAL A 388 -5.30 -33.45 11.39
N VAL A 389 -4.46 -32.60 10.82
CA VAL A 389 -3.10 -32.40 11.33
C VAL A 389 -3.19 -31.57 12.61
N PRO A 390 -2.74 -32.10 13.75
CA PRO A 390 -2.90 -31.38 15.02
C PRO A 390 -2.03 -30.13 15.06
N GLY A 391 -2.66 -28.98 15.31
CA GLY A 391 -1.96 -27.73 15.48
C GLY A 391 -1.68 -26.95 14.22
N LEU A 392 -2.15 -27.43 13.06
CA LEU A 392 -1.88 -26.77 11.79
C LEU A 392 -3.19 -26.28 11.18
N TYR A 393 -3.20 -25.01 10.77
CA TYR A 393 -4.36 -24.38 10.16
C TYR A 393 -3.92 -23.66 8.90
N ALA A 394 -4.89 -23.28 8.08
CA ALA A 394 -4.63 -22.54 6.85
C ALA A 394 -5.90 -21.84 6.40
N CYS A 395 -5.73 -20.68 5.77
CA CYS A 395 -6.85 -19.89 5.28
C CYS A 395 -6.35 -18.92 4.23
N GLY A 396 -7.26 -18.49 3.36
CA GLY A 396 -6.91 -17.62 2.27
C GLY A 396 -6.56 -18.38 1.01
N GLU A 397 -5.86 -17.68 0.10
CA GLU A 397 -5.43 -18.30 -1.14
C GLU A 397 -4.44 -19.44 -0.92
N ALA A 398 -3.72 -19.43 0.20
CA ALA A 398 -2.81 -20.53 0.50
C ALA A 398 -3.54 -21.83 0.79
N ALA A 399 -4.80 -21.76 1.22
CA ALA A 399 -5.55 -22.93 1.65
C ALA A 399 -6.53 -23.38 0.57
N SER A 400 -6.94 -24.65 0.68
CA SER A 400 -7.95 -25.25 -0.19
C SER A 400 -9.08 -25.76 0.71
N ALA A 401 -10.15 -24.98 0.81
CA ALA A 401 -11.24 -25.31 1.73
C ALA A 401 -11.90 -26.65 1.41
N SER A 402 -12.30 -26.90 0.15
CA SER A 402 -12.12 -26.07 -1.05
C SER A 402 -13.42 -25.40 -1.47
N VAL A 403 -13.52 -24.09 -1.21
CA VAL A 403 -14.71 -23.32 -1.57
C VAL A 403 -14.72 -22.92 -3.04
N HIS A 404 -13.62 -23.12 -3.76
CA HIS A 404 -13.53 -22.69 -5.14
C HIS A 404 -13.39 -23.83 -6.14
N GLY A 405 -13.00 -25.02 -5.70
CA GLY A 405 -13.00 -26.18 -6.58
C GLY A 405 -12.11 -25.99 -7.79
N ALA A 406 -12.70 -26.13 -8.98
CA ALA A 406 -11.97 -26.04 -10.24
C ALA A 406 -12.03 -24.65 -10.85
N ASN A 407 -12.81 -23.73 -10.28
CA ASN A 407 -12.88 -22.36 -10.78
C ASN A 407 -13.54 -21.45 -9.75
N ARG A 408 -12.88 -20.34 -9.43
CA ARG A 408 -13.39 -19.42 -8.41
C ARG A 408 -14.23 -18.33 -9.06
N LEU A 409 -15.33 -17.98 -8.41
CA LEU A 409 -16.14 -16.85 -8.83
C LEU A 409 -15.49 -15.55 -8.39
N GLY A 410 -15.68 -14.50 -9.19
CA GLY A 410 -15.14 -13.20 -8.84
C GLY A 410 -15.70 -12.71 -7.52
N ALA A 411 -14.85 -12.02 -6.75
CA ALA A 411 -15.18 -11.44 -5.45
C ALA A 411 -15.46 -12.48 -4.37
N ASN A 412 -14.97 -13.71 -4.56
CA ASN A 412 -15.12 -14.76 -3.56
C ASN A 412 -13.86 -15.00 -2.73
N SER A 413 -12.70 -14.55 -3.21
CA SER A 413 -11.47 -14.76 -2.46
C SER A 413 -11.42 -13.84 -1.23
N LEU A 414 -11.64 -12.54 -1.42
CA LEU A 414 -11.70 -11.63 -0.28
C LEU A 414 -12.70 -12.09 0.77
N LEU A 415 -13.76 -12.76 0.33
CA LEU A 415 -14.69 -13.38 1.27
C LEU A 415 -14.04 -14.57 1.98
N ASP A 416 -13.45 -15.48 1.20
CA ASP A 416 -12.68 -16.60 1.74
C ASP A 416 -11.70 -16.13 2.83
N LEU A 417 -11.03 -14.98 2.60
CA LEU A 417 -10.03 -14.50 3.55
C LEU A 417 -10.65 -14.22 4.91
N VAL A 418 -11.71 -13.41 4.94
CA VAL A 418 -12.25 -12.96 6.23
C VAL A 418 -13.12 -14.01 6.87
N VAL A 419 -13.78 -14.87 6.08
CA VAL A 419 -14.63 -15.90 6.65
C VAL A 419 -13.77 -16.98 7.33
N PHE A 420 -12.79 -17.51 6.60
CA PHE A 420 -11.98 -18.60 7.13
C PHE A 420 -10.81 -18.14 7.98
N GLY A 421 -10.41 -16.87 7.86
CA GLY A 421 -9.55 -16.30 8.88
C GLY A 421 -10.23 -16.26 10.23
N ARG A 422 -11.46 -15.75 10.26
N ARG A 422 -11.46 -15.75 10.26
CA ARG A 422 -12.25 -15.79 11.49
CA ARG A 422 -12.25 -15.79 11.50
C ARG A 422 -12.52 -17.22 11.93
C ARG A 422 -12.52 -17.22 11.93
N ALA A 423 -12.74 -18.13 10.96
CA ALA A 423 -13.05 -19.52 11.30
C ALA A 423 -11.87 -20.20 11.99
N CYS A 424 -10.64 -19.94 11.52
CA CYS A 424 -9.47 -20.50 12.20
C CYS A 424 -9.42 -20.06 13.65
N ALA A 425 -9.66 -18.76 13.91
CA ALA A 425 -9.63 -18.27 15.28
C ALA A 425 -10.77 -18.86 16.10
N LEU A 426 -11.93 -19.06 15.47
CA LEU A 426 -13.06 -19.67 16.19
C LEU A 426 -12.80 -21.14 16.49
N THR A 427 -12.16 -21.85 15.56
CA THR A 427 -11.89 -23.27 15.77
C THR A 427 -10.85 -23.49 16.85
N ILE A 428 -9.82 -22.63 16.90
CA ILE A 428 -8.80 -22.75 17.93
C ILE A 428 -9.39 -22.44 19.30
N ALA A 429 -10.28 -21.44 19.37
CA ALA A 429 -10.85 -21.03 20.64
C ALA A 429 -11.72 -22.12 21.27
N GLU A 430 -12.43 -22.90 20.45
CA GLU A 430 -13.27 -23.97 20.96
C GLU A 430 -12.50 -25.26 21.21
N THR A 431 -11.34 -25.43 20.57
CA THR A 431 -10.56 -26.66 20.75
C THR A 431 -9.51 -26.53 21.85
N CYS A 432 -8.89 -25.36 21.97
CA CYS A 432 -7.83 -25.13 22.93
C CYS A 432 -8.15 -23.89 23.76
N LYS A 433 -7.42 -23.75 24.87
CA LYS A 433 -7.52 -22.59 25.74
C LYS A 433 -6.21 -21.81 25.74
N PRO A 434 -6.26 -20.50 25.99
CA PRO A 434 -5.02 -19.74 26.12
C PRO A 434 -4.22 -20.20 27.34
N GLY A 435 -2.92 -19.95 27.27
CA GLY A 435 -2.03 -20.26 28.38
C GLY A 435 -1.75 -21.73 28.61
N GLU A 436 -2.28 -22.62 27.78
CA GLU A 436 -1.95 -24.03 27.90
C GLU A 436 -0.48 -24.26 27.61
N PRO A 437 0.14 -25.27 28.22
CA PRO A 437 1.59 -25.46 28.05
C PRO A 437 1.99 -25.61 26.60
N VAL A 438 2.88 -24.75 26.15
CA VAL A 438 3.33 -24.79 24.76
C VAL A 438 4.19 -26.04 24.54
N PRO A 439 4.12 -26.68 23.38
CA PRO A 439 4.88 -27.93 23.18
C PRO A 439 6.37 -27.67 22.99
N SER A 440 7.17 -28.59 23.51
CA SER A 440 8.61 -28.50 23.36
C SER A 440 9.03 -28.92 21.96
N ILE A 441 10.30 -28.63 21.64
CA ILE A 441 10.89 -29.01 20.36
C ILE A 441 12.27 -29.61 20.64
N LYS A 442 12.87 -30.17 19.60
CA LYS A 442 14.23 -30.68 19.72
C LYS A 442 15.20 -29.52 19.84
N PRO A 443 16.34 -29.72 20.50
CA PRO A 443 17.34 -28.64 20.58
C PRO A 443 17.85 -28.19 19.23
N ASN A 444 17.86 -29.09 18.24
CA ASN A 444 18.27 -28.77 16.87
C ASN A 444 17.09 -28.75 15.91
N ALA A 445 15.93 -28.32 16.39
CA ALA A 445 14.73 -28.30 15.56
C ALA A 445 14.82 -27.21 14.50
N GLY A 446 14.65 -27.59 13.24
CA GLY A 446 14.69 -26.64 12.15
C GLY A 446 16.07 -26.30 11.65
N GLU A 447 17.10 -27.03 12.08
CA GLU A 447 18.45 -26.73 11.61
C GLU A 447 18.65 -27.05 10.14
N GLU A 448 17.79 -27.92 9.57
CA GLU A 448 17.87 -28.17 8.13
C GLU A 448 17.49 -26.92 7.34
N SER A 449 16.62 -26.08 7.89
CA SER A 449 16.30 -24.82 7.23
C SER A 449 17.50 -23.87 7.24
N VAL A 450 18.23 -23.83 8.36
CA VAL A 450 19.38 -22.94 8.45
C VAL A 450 20.53 -23.44 7.58
N ALA A 451 20.69 -24.76 7.47
CA ALA A 451 21.71 -25.31 6.59
C ALA A 451 21.39 -25.02 5.12
N ASN A 452 20.12 -25.18 4.74
CA ASN A 452 19.71 -24.85 3.38
C ASN A 452 19.78 -23.35 3.13
N LEU A 453 19.55 -22.54 4.17
CA LEU A 453 19.66 -21.09 4.03
C LEU A 453 21.11 -20.68 3.78
N ASP A 454 22.04 -21.21 4.58
CA ASP A 454 23.44 -20.85 4.42
C ASP A 454 24.03 -21.43 3.14
N LYS A 455 23.50 -22.56 2.67
CA LYS A 455 23.95 -23.12 1.40
C LYS A 455 23.65 -22.15 0.25
N LEU A 456 22.43 -21.62 0.22
CA LEU A 456 22.06 -20.68 -0.84
C LEU A 456 22.77 -19.34 -0.67
N ARG A 457 23.06 -18.96 0.58
CA ARG A 457 23.73 -17.67 0.81
C ARG A 457 25.13 -17.65 0.24
N PHE A 458 25.85 -18.77 0.33
CA PHE A 458 27.21 -18.89 -0.18
C PHE A 458 27.24 -19.75 -1.44
N ALA A 459 26.25 -19.59 -2.32
CA ALA A 459 26.20 -20.34 -3.56
C ALA A 459 27.25 -19.82 -4.53
N ASP A 460 27.93 -20.75 -5.21
CA ASP A 460 28.99 -20.42 -6.16
C ASP A 460 28.96 -21.49 -7.27
N GLY A 461 27.96 -21.41 -8.13
CA GLY A 461 27.78 -22.39 -9.18
C GLY A 461 27.78 -21.83 -10.58
N THR A 462 26.92 -22.38 -11.44
CA THR A 462 26.89 -22.01 -12.86
C THR A 462 25.69 -21.18 -13.25
N ILE A 463 24.56 -21.33 -12.57
CA ILE A 463 23.30 -20.68 -12.94
C ILE A 463 22.89 -19.74 -11.81
N ARG A 464 22.55 -18.50 -12.16
CA ARG A 464 22.10 -17.55 -11.16
C ARG A 464 20.61 -17.77 -10.86
N THR A 465 20.16 -17.14 -9.77
CA THR A 465 18.77 -17.32 -9.34
C THR A 465 17.80 -16.73 -10.36
N SER A 466 18.11 -15.56 -10.90
CA SER A 466 17.22 -14.93 -11.88
C SER A 466 17.10 -15.76 -13.14
N GLU A 467 18.20 -16.40 -13.56
CA GLU A 467 18.16 -17.22 -14.76
C GLU A 467 17.30 -18.47 -14.57
N ALA A 468 17.31 -19.03 -13.36
CA ALA A 468 16.52 -20.23 -13.09
C ALA A 468 15.03 -19.89 -12.98
N ARG A 469 14.70 -18.75 -12.37
CA ARG A 469 13.30 -18.38 -12.24
C ARG A 469 12.64 -18.13 -13.58
N LEU A 470 13.39 -17.60 -14.55
CA LEU A 470 12.81 -17.33 -15.86
C LEU A 470 12.55 -18.61 -16.64
N ASN A 471 13.47 -19.58 -16.54
CA ASN A 471 13.26 -20.86 -17.20
C ASN A 471 12.06 -21.60 -16.63
N MET A 472 11.72 -21.35 -15.36
CA MET A 472 10.50 -21.90 -14.78
C MET A 472 9.27 -21.15 -15.27
N GLN A 473 9.33 -19.82 -15.30
CA GLN A 473 8.18 -19.04 -15.71
C GLN A 473 7.85 -19.24 -17.18
N LYS A 474 8.87 -19.31 -18.04
CA LYS A 474 8.63 -19.51 -19.46
C LYS A 474 8.19 -20.94 -19.75
N THR A 475 8.62 -21.91 -18.95
CA THR A 475 8.16 -23.28 -19.13
C THR A 475 6.70 -23.42 -18.72
N MET A 476 6.30 -22.81 -17.60
CA MET A 476 4.91 -22.87 -17.18
C MET A 476 4.01 -22.12 -18.14
N GLN A 477 4.49 -21.02 -18.73
CA GLN A 477 3.64 -20.19 -19.57
C GLN A 477 3.26 -20.88 -20.87
N SER A 478 4.15 -21.71 -21.42
CA SER A 478 3.89 -22.37 -22.68
C SER A 478 3.28 -23.76 -22.51
N HIS A 479 3.66 -24.49 -21.46
CA HIS A 479 3.24 -25.87 -21.29
C HIS A 479 2.05 -26.04 -20.37
N ALA A 480 1.61 -24.98 -19.69
CA ALA A 480 0.47 -25.06 -18.78
C ALA A 480 -0.41 -23.84 -18.91
N ALA A 481 -0.68 -23.42 -20.16
CA ALA A 481 -1.48 -22.23 -20.41
C ALA A 481 -2.97 -22.54 -20.28
N VAL A 482 -3.80 -21.76 -21.00
CA VAL A 482 -5.24 -21.94 -20.91
C VAL A 482 -5.65 -23.33 -21.38
N PHE A 483 -5.07 -23.79 -22.49
CA PHE A 483 -5.29 -25.13 -23.00
C PHE A 483 -4.01 -25.94 -22.84
N ARG A 484 -4.17 -27.22 -22.50
CA ARG A 484 -3.05 -28.10 -22.23
C ARG A 484 -3.27 -29.43 -22.93
N THR A 485 -2.15 -30.09 -23.27
CA THR A 485 -2.19 -31.40 -23.90
C THR A 485 -1.16 -32.29 -23.22
N GLY A 486 -1.47 -33.59 -23.14
CA GLY A 486 -0.57 -34.53 -22.50
C GLY A 486 0.82 -34.53 -23.12
N SER A 487 0.90 -34.35 -24.44
CA SER A 487 2.19 -34.30 -25.10
C SER A 487 2.95 -33.02 -24.72
N ILE A 488 2.23 -31.91 -24.53
CA ILE A 488 2.88 -30.67 -24.15
C ILE A 488 3.15 -30.63 -22.64
N LEU A 489 2.23 -31.17 -21.84
CA LEU A 489 2.43 -31.18 -20.40
C LEU A 489 3.61 -32.06 -20.01
N GLN A 490 3.75 -33.22 -20.65
CA GLN A 490 4.89 -34.09 -20.37
C GLN A 490 6.21 -33.43 -20.74
N GLU A 491 6.21 -32.65 -21.82
CA GLU A 491 7.42 -31.89 -22.18
C GLU A 491 7.74 -30.86 -21.12
N GLY A 492 6.71 -30.22 -20.55
CA GLY A 492 6.95 -29.29 -19.47
C GLY A 492 7.35 -29.98 -18.18
N CYS A 493 6.79 -31.17 -17.93
CA CYS A 493 7.19 -31.93 -16.75
C CYS A 493 8.65 -32.33 -16.82
N GLU A 494 9.12 -32.75 -18.00
CA GLU A 494 10.53 -33.09 -18.16
C GLU A 494 11.43 -31.86 -18.00
N LYS A 495 10.96 -30.70 -18.45
CA LYS A 495 11.75 -29.49 -18.30
C LYS A 495 11.82 -29.04 -16.84
N LEU A 496 10.67 -29.01 -16.16
CA LEU A 496 10.64 -28.58 -14.77
C LEU A 496 11.44 -29.51 -13.89
N SER A 497 11.31 -30.82 -14.10
CA SER A 497 12.08 -31.79 -13.32
C SER A 497 13.57 -31.68 -13.60
N GLN A 498 13.96 -31.12 -14.74
CA GLN A 498 15.37 -30.87 -15.02
C GLN A 498 15.83 -29.55 -14.39
N ILE A 499 14.97 -28.54 -14.42
CA ILE A 499 15.30 -27.26 -13.78
C ILE A 499 15.47 -27.45 -12.28
N TYR A 500 14.64 -28.32 -11.69
CA TYR A 500 14.74 -28.56 -10.24
C TYR A 500 16.05 -29.24 -9.89
N ARG A 501 16.48 -30.22 -10.68
CA ARG A 501 17.75 -30.89 -10.42
C ARG A 501 18.93 -29.98 -10.73
N ASP A 502 18.76 -28.96 -11.56
CA ASP A 502 19.81 -28.00 -11.84
C ASP A 502 19.87 -26.87 -10.82
N LEU A 503 18.97 -26.87 -9.83
CA LEU A 503 19.07 -25.92 -8.73
C LEU A 503 20.32 -26.16 -7.88
N ALA A 504 20.94 -27.34 -8.02
CA ALA A 504 22.21 -27.59 -7.35
C ALA A 504 23.31 -26.68 -7.90
N HIS A 505 23.20 -26.28 -9.17
CA HIS A 505 24.17 -25.40 -9.80
C HIS A 505 23.83 -23.93 -9.61
N LEU A 506 23.15 -23.58 -8.52
CA LEU A 506 22.73 -22.20 -8.31
C LEU A 506 23.93 -21.30 -8.01
N LYS A 507 23.72 -20.00 -8.19
CA LYS A 507 24.79 -19.01 -8.06
C LYS A 507 24.20 -17.74 -7.47
N THR A 508 24.61 -17.40 -6.25
CA THR A 508 24.23 -16.14 -5.62
C THR A 508 25.45 -15.27 -5.44
N PHE A 509 25.21 -13.98 -5.22
CA PHE A 509 26.29 -12.98 -5.12
C PHE A 509 26.32 -12.29 -3.76
N ASP A 510 25.18 -11.82 -3.27
CA ASP A 510 25.11 -11.08 -2.01
C ASP A 510 25.46 -12.03 -0.87
N ARG A 511 26.68 -11.89 -0.34
CA ARG A 511 27.17 -12.74 0.74
C ARG A 511 26.75 -12.26 2.12
N GLY A 512 25.90 -11.22 2.19
CA GLY A 512 25.43 -10.71 3.45
C GLY A 512 24.19 -11.43 3.96
N ILE A 513 23.77 -11.05 5.16
CA ILE A 513 22.57 -11.59 5.77
C ILE A 513 21.53 -10.54 6.11
N VAL A 514 21.92 -9.28 6.29
CA VAL A 514 20.97 -8.21 6.55
C VAL A 514 20.38 -7.75 5.22
N TRP A 515 19.08 -7.93 5.06
CA TRP A 515 18.35 -7.56 3.83
C TRP A 515 19.06 -8.08 2.59
N ASN A 516 19.19 -9.41 2.55
CA ASN A 516 19.80 -10.10 1.41
C ASN A 516 18.68 -10.60 0.51
N THR A 517 18.13 -9.69 -0.28
CA THR A 517 17.08 -10.05 -1.22
C THR A 517 17.56 -11.05 -2.27
N ASP A 518 18.86 -11.09 -2.54
CA ASP A 518 19.40 -12.14 -3.40
C ASP A 518 19.17 -13.51 -2.79
N LEU A 519 19.36 -13.63 -1.47
CA LEU A 519 19.16 -14.89 -0.78
C LEU A 519 17.68 -15.19 -0.57
N VAL A 520 16.88 -14.18 -0.24
CA VAL A 520 15.45 -14.39 -0.02
C VAL A 520 14.77 -14.82 -1.30
N GLU A 521 15.08 -14.15 -2.42
CA GLU A 521 14.48 -14.51 -3.69
C GLU A 521 15.00 -15.84 -4.23
N THR A 522 16.08 -16.38 -3.65
CA THR A 522 16.46 -17.75 -3.95
C THR A 522 15.60 -18.74 -3.19
N LEU A 523 15.28 -18.44 -1.93
CA LEU A 523 14.34 -19.26 -1.17
C LEU A 523 12.96 -19.24 -1.82
N GLU A 524 12.53 -18.07 -2.30
CA GLU A 524 11.25 -18.00 -2.99
C GLU A 524 11.25 -18.80 -4.28
N LEU A 525 12.40 -18.87 -4.96
CA LEU A 525 12.51 -19.74 -6.12
C LEU A 525 12.36 -21.20 -5.74
N GLN A 526 12.95 -21.60 -4.61
CA GLN A 526 12.74 -22.95 -4.10
C GLN A 526 11.27 -23.22 -3.84
N ASN A 527 10.57 -22.25 -3.26
CA ASN A 527 9.15 -22.41 -3.00
C ASN A 527 8.34 -22.40 -4.30
N LEU A 528 8.71 -21.53 -5.24
CA LEU A 528 8.03 -21.50 -6.53
C LEU A 528 8.19 -22.83 -7.27
N MET A 529 9.37 -23.43 -7.19
CA MET A 529 9.61 -24.68 -7.92
C MET A 529 8.83 -25.84 -7.31
N LEU A 530 8.72 -25.89 -5.98
CA LEU A 530 7.95 -26.94 -5.35
C LEU A 530 6.47 -26.85 -5.75
N CYS A 531 5.95 -25.63 -5.87
CA CYS A 531 4.56 -25.46 -6.29
C CYS A 531 4.40 -25.72 -7.78
N ALA A 532 5.40 -25.37 -8.58
CA ALA A 532 5.28 -25.51 -10.03
C ALA A 532 5.33 -26.97 -10.46
N LEU A 533 6.08 -27.81 -9.75
CA LEU A 533 6.12 -29.24 -10.07
C LEU A 533 4.77 -29.89 -9.80
N GLN A 534 4.18 -29.62 -8.64
CA GLN A 534 2.88 -30.20 -8.32
C GLN A 534 1.79 -29.69 -9.26
N THR A 535 1.97 -28.49 -9.81
CA THR A 535 0.97 -27.95 -10.73
C THR A 535 0.99 -28.67 -12.07
N ILE A 536 2.17 -28.74 -12.70
CA ILE A 536 2.25 -29.32 -14.04
C ILE A 536 2.15 -30.83 -14.03
N TYR A 537 2.48 -31.49 -12.91
CA TYR A 537 2.30 -32.93 -12.83
C TYR A 537 0.86 -33.31 -12.50
N GLY A 538 0.18 -32.49 -11.68
CA GLY A 538 -1.23 -32.70 -11.47
C GLY A 538 -2.06 -32.42 -12.71
N ALA A 539 -1.60 -31.49 -13.56
CA ALA A 539 -2.30 -31.19 -14.80
C ALA A 539 -2.05 -32.27 -15.85
N GLU A 540 -0.87 -32.90 -15.83
CA GLU A 540 -0.59 -33.95 -16.79
C GLU A 540 -1.38 -35.21 -16.48
N ALA A 541 -1.55 -35.52 -15.20
CA ALA A 541 -2.24 -36.76 -14.83
C ALA A 541 -3.76 -36.63 -14.98
N ARG A 542 -4.32 -35.47 -14.65
CA ARG A 542 -5.76 -35.26 -14.73
C ARG A 542 -6.17 -35.28 -16.20
N LYS A 543 -6.79 -36.39 -16.62
CA LYS A 543 -7.20 -36.56 -18.01
C LYS A 543 -8.69 -36.26 -18.16
N GLU A 544 -9.01 -34.99 -17.98
CA GLU A 544 -10.38 -34.50 -18.16
C GLU A 544 -10.31 -32.98 -18.34
N SER A 545 -11.48 -32.37 -18.49
CA SER A 545 -11.61 -30.92 -18.58
C SER A 545 -12.63 -30.47 -17.53
N ARG A 546 -12.14 -29.89 -16.44
CA ARG A 546 -12.99 -29.45 -15.34
C ARG A 546 -12.57 -28.03 -14.94
N GLY A 547 -13.50 -27.08 -15.08
CA GLY A 547 -13.23 -25.70 -14.72
C GLY A 547 -12.11 -25.06 -15.51
N ALA A 548 -11.07 -24.59 -14.81
CA ALA A 548 -9.96 -23.93 -15.48
C ALA A 548 -9.09 -24.92 -16.24
N HIS A 549 -8.86 -26.10 -15.66
CA HIS A 549 -8.04 -27.13 -16.29
C HIS A 549 -8.74 -27.65 -17.53
N ALA A 550 -8.30 -27.23 -18.70
CA ALA A 550 -8.92 -27.60 -19.98
C ALA A 550 -7.94 -28.42 -20.78
N ARG A 551 -8.21 -29.72 -20.90
CA ARG A 551 -7.43 -30.64 -21.72
C ARG A 551 -8.12 -30.81 -23.07
N GLU A 552 -7.42 -30.50 -24.15
CA GLU A 552 -7.98 -30.69 -25.48
C GLU A 552 -7.88 -32.13 -25.97
N ASP A 553 -7.09 -32.97 -25.30
CA ASP A 553 -7.09 -34.40 -25.56
C ASP A 553 -8.13 -35.15 -24.73
N TYR A 554 -8.72 -34.49 -23.72
CA TYR A 554 -9.80 -35.05 -22.92
C TYR A 554 -10.78 -33.90 -22.62
N LYS A 555 -11.56 -33.53 -23.63
CA LYS A 555 -12.44 -32.37 -23.55
C LYS A 555 -13.65 -32.59 -22.64
N LEU A 556 -13.84 -33.80 -22.11
CA LEU A 556 -15.00 -34.12 -21.30
C LEU A 556 -14.70 -33.96 -19.81
N ARG A 557 -15.77 -33.80 -19.04
CA ARG A 557 -15.71 -33.81 -17.58
C ARG A 557 -16.22 -35.16 -17.09
N ILE A 558 -15.39 -35.86 -16.31
CA ILE A 558 -15.63 -37.26 -15.95
C ILE A 558 -16.00 -37.30 -14.48
N ASP A 559 -17.28 -37.50 -14.19
CA ASP A 559 -17.78 -37.66 -12.83
C ASP A 559 -18.05 -39.14 -12.55
N GLU A 560 -18.47 -39.44 -11.32
CA GLU A 560 -18.75 -40.82 -10.95
C GLU A 560 -19.94 -41.39 -11.69
N PHE A 561 -20.85 -40.53 -12.15
CA PHE A 561 -21.94 -40.90 -13.04
C PHE A 561 -21.81 -40.10 -14.33
N ASP A 562 -22.86 -40.12 -15.14
CA ASP A 562 -22.98 -39.27 -16.32
C ASP A 562 -24.23 -38.40 -16.12
N TYR A 563 -24.02 -37.21 -15.56
CA TYR A 563 -25.13 -36.33 -15.20
C TYR A 563 -25.72 -35.59 -16.39
N SER A 564 -25.34 -35.96 -17.61
CA SER A 564 -26.02 -35.49 -18.81
C SER A 564 -27.16 -36.39 -19.22
N LYS A 565 -27.23 -37.61 -18.67
CA LYS A 565 -28.27 -38.58 -18.90
C LYS A 565 -28.96 -38.92 -17.58
N PRO A 566 -30.20 -39.39 -17.63
CA PRO A 566 -30.88 -39.76 -16.38
C PRO A 566 -30.12 -40.85 -15.63
N LEU A 567 -30.06 -40.70 -14.31
CA LEU A 567 -29.35 -41.64 -13.43
C LEU A 567 -30.07 -42.98 -13.30
N GLN A 568 -31.16 -43.19 -14.04
CA GLN A 568 -31.92 -44.43 -13.98
C GLN A 568 -31.07 -45.63 -14.34
N GLY A 569 -30.64 -46.40 -13.34
CA GLY A 569 -29.90 -47.62 -13.59
C GLY A 569 -28.55 -47.42 -14.25
N GLN A 570 -27.84 -46.37 -13.87
CA GLN A 570 -26.52 -46.10 -14.43
C GLN A 570 -25.46 -46.89 -13.68
N GLN A 571 -24.48 -47.40 -14.42
CA GLN A 571 -23.30 -48.04 -13.84
C GLN A 571 -22.43 -46.97 -13.19
N LYS A 572 -22.31 -47.01 -11.86
CA LYS A 572 -21.50 -46.04 -11.14
C LYS A 572 -20.01 -46.32 -11.38
N ARG A 573 -19.28 -45.32 -11.83
CA ARG A 573 -17.84 -45.48 -12.04
C ARG A 573 -17.13 -45.55 -10.71
N PRO A 574 -16.22 -46.49 -10.51
CA PRO A 574 -15.45 -46.53 -9.26
C PRO A 574 -14.59 -45.29 -9.11
N PHE A 575 -14.15 -45.05 -7.87
CA PHE A 575 -13.36 -43.86 -7.57
C PHE A 575 -12.07 -43.81 -8.38
N GLU A 576 -11.50 -44.96 -8.71
CA GLU A 576 -10.25 -45.03 -9.45
C GLU A 576 -10.43 -44.77 -10.94
N GLU A 577 -11.67 -44.69 -11.43
CA GLU A 577 -11.92 -44.54 -12.86
C GLU A 577 -12.48 -43.17 -13.24
N HIS A 578 -13.19 -42.49 -12.34
CA HIS A 578 -13.71 -41.17 -12.64
C HIS A 578 -12.71 -40.11 -12.15
N TRP A 579 -13.09 -38.84 -12.22
CA TRP A 579 -12.18 -37.77 -11.89
C TRP A 579 -12.74 -36.71 -10.94
N ARG A 580 -14.03 -36.73 -10.61
CA ARG A 580 -14.59 -35.78 -9.66
C ARG A 580 -14.00 -36.09 -8.28
N LYS A 581 -12.78 -35.61 -8.08
CA LYS A 581 -12.01 -35.91 -6.87
C LYS A 581 -10.86 -34.92 -6.79
N HIS A 582 -10.39 -34.68 -5.57
CA HIS A 582 -9.28 -33.77 -5.34
C HIS A 582 -7.96 -34.46 -5.69
N THR A 583 -7.04 -33.68 -6.28
CA THR A 583 -5.68 -34.15 -6.53
C THR A 583 -4.82 -33.81 -5.32
N LEU A 584 -4.18 -34.82 -4.72
CA LEU A 584 -3.29 -34.63 -3.59
C LEU A 584 -1.87 -34.90 -4.06
N SER A 585 -1.03 -33.88 -3.98
CA SER A 585 0.34 -33.96 -4.49
C SER A 585 1.35 -33.98 -3.34
N TYR A 586 2.34 -34.85 -3.47
CA TYR A 586 3.49 -34.91 -2.59
C TYR A 586 4.75 -34.70 -3.41
N VAL A 587 5.82 -34.25 -2.75
CA VAL A 587 7.09 -34.01 -3.42
C VAL A 587 8.22 -34.48 -2.51
N ASP A 588 9.06 -35.38 -3.02
CA ASP A 588 10.34 -35.64 -2.39
C ASP A 588 11.27 -34.47 -2.69
N VAL A 589 11.56 -33.66 -1.67
CA VAL A 589 12.31 -32.42 -1.89
C VAL A 589 13.71 -32.71 -2.42
N LYS A 590 14.30 -33.85 -2.01
CA LYS A 590 15.68 -34.14 -2.40
C LYS A 590 15.77 -34.42 -3.90
N SER A 591 14.97 -35.36 -4.40
CA SER A 591 15.02 -35.73 -5.81
C SER A 591 14.10 -34.90 -6.68
N GLY A 592 12.96 -34.45 -6.15
CA GLY A 592 12.01 -33.68 -6.91
C GLY A 592 10.83 -34.47 -7.45
N LYS A 593 10.78 -35.78 -7.23
CA LYS A 593 9.71 -36.60 -7.77
C LYS A 593 8.37 -36.23 -7.13
N VAL A 594 7.33 -36.18 -7.96
CA VAL A 594 5.99 -35.80 -7.53
C VAL A 594 5.14 -37.05 -7.40
N THR A 595 4.49 -37.20 -6.25
CA THR A 595 3.55 -38.30 -6.01
C THR A 595 2.14 -37.74 -5.93
N LEU A 596 1.18 -38.46 -6.52
CA LEU A 596 -0.20 -38.00 -6.62
C LEU A 596 -1.14 -39.01 -5.97
N LYS A 597 -2.08 -38.50 -5.18
CA LYS A 597 -3.14 -39.29 -4.56
C LYS A 597 -4.46 -38.57 -4.84
N TYR A 598 -5.57 -39.16 -4.42
CA TYR A 598 -6.88 -38.57 -4.68
C TYR A 598 -7.82 -38.83 -3.51
N ARG A 599 -8.54 -37.79 -3.10
CA ARG A 599 -9.54 -37.88 -2.04
C ARG A 599 -10.89 -37.39 -2.56
N PRO A 600 -11.99 -37.93 -2.03
CA PRO A 600 -13.30 -37.59 -2.56
C PRO A 600 -13.73 -36.16 -2.22
N VAL A 601 -14.62 -35.63 -3.05
CA VAL A 601 -15.22 -34.33 -2.83
C VAL A 601 -16.34 -34.46 -1.81
N ILE A 602 -16.48 -33.46 -0.95
CA ILE A 602 -17.55 -33.44 0.04
C ILE A 602 -18.77 -32.77 -0.59
N ASP A 603 -19.78 -33.57 -0.90
CA ASP A 603 -21.02 -33.07 -1.49
C ASP A 603 -22.08 -32.68 -0.47
N ARG A 604 -21.90 -33.07 0.79
CA ARG A 604 -22.89 -32.75 1.81
C ARG A 604 -22.71 -31.31 2.30
N THR A 605 -23.83 -30.70 2.68
CA THR A 605 -23.80 -29.37 3.26
C THR A 605 -23.76 -29.49 4.79
N LEU A 606 -23.89 -28.36 5.49
CA LEU A 606 -23.93 -28.40 6.94
C LEU A 606 -25.32 -28.71 7.47
N ASN A 607 -26.37 -28.44 6.69
CA ASN A 607 -27.74 -28.76 7.08
C ASN A 607 -28.56 -28.90 5.81
N GLU A 608 -28.93 -30.14 5.47
CA GLU A 608 -29.65 -30.38 4.23
C GLU A 608 -31.02 -29.73 4.23
N GLU A 609 -31.64 -29.62 5.40
CA GLU A 609 -32.97 -29.02 5.46
C GLU A 609 -32.92 -27.51 5.33
N ASP A 610 -31.75 -26.90 5.51
CA ASP A 610 -31.59 -25.46 5.35
C ASP A 610 -30.88 -25.09 4.05
N CYS A 611 -30.06 -25.99 3.50
CA CYS A 611 -29.33 -25.71 2.26
C CYS A 611 -29.17 -27.04 1.53
N SER A 612 -29.97 -27.22 0.48
CA SER A 612 -29.97 -28.48 -0.26
C SER A 612 -28.64 -28.67 -0.99
N SER A 613 -28.08 -29.88 -0.88
CA SER A 613 -26.87 -30.22 -1.60
C SER A 613 -27.16 -30.28 -3.10
N VAL A 614 -26.30 -29.62 -3.88
CA VAL A 614 -26.48 -29.51 -5.33
C VAL A 614 -25.73 -30.67 -5.97
N PRO A 615 -26.40 -31.63 -6.60
CA PRO A 615 -25.71 -32.68 -7.32
C PRO A 615 -25.09 -32.15 -8.60
N PRO A 616 -24.05 -32.81 -9.11
CA PRO A 616 -23.41 -32.32 -10.35
C PRO A 616 -24.40 -32.29 -11.51
N ALA A 617 -24.32 -31.23 -12.31
CA ALA A 617 -25.17 -31.06 -13.47
C ALA A 617 -24.32 -30.52 -14.61
N ILE A 618 -24.97 -30.15 -15.71
CA ILE A 618 -24.25 -29.52 -16.82
C ILE A 618 -23.89 -28.10 -16.44
N ARG A 619 -22.76 -27.63 -16.95
CA ARG A 619 -22.19 -26.34 -16.55
C ARG A 619 -22.06 -25.46 -17.79
N SER A 620 -23.05 -24.59 -17.99
CA SER A 620 -23.03 -23.67 -19.12
C SER A 620 -23.46 -22.28 -18.65
N TYR A 621 -23.07 -21.28 -19.42
CA TYR A 621 -23.44 -19.89 -19.11
C TYR A 621 -23.98 -19.18 -20.34
N THR B 8 21.73 -0.80 -32.23
CA THR B 8 20.53 0.01 -32.13
C THR B 8 20.06 0.13 -30.69
N SER B 9 20.99 -0.04 -29.75
CA SER B 9 20.67 -0.05 -28.33
C SER B 9 20.68 1.37 -27.77
N ARG B 10 19.76 1.63 -26.86
CA ARG B 10 19.66 2.91 -26.15
C ARG B 10 20.15 2.70 -24.72
N ILE B 11 21.42 3.01 -24.49
CA ILE B 11 22.02 2.80 -23.18
C ILE B 11 21.71 3.99 -22.29
N LYS B 12 21.15 3.72 -21.11
CA LYS B 12 20.81 4.73 -20.12
C LYS B 12 21.63 4.50 -18.86
N LYS B 13 22.09 5.59 -18.27
CA LYS B 13 22.92 5.54 -17.06
C LYS B 13 22.07 5.86 -15.84
N PHE B 14 22.19 5.03 -14.81
CA PHE B 14 21.59 5.28 -13.51
C PHE B 14 22.68 5.36 -12.45
N SER B 15 22.54 6.29 -11.51
CA SER B 15 23.46 6.43 -10.39
C SER B 15 22.67 6.13 -9.12
N ILE B 16 23.07 5.07 -8.41
CA ILE B 16 22.27 4.50 -7.34
C ILE B 16 23.05 4.53 -6.03
N TYR B 17 22.37 4.88 -4.95
CA TYR B 17 22.93 4.86 -3.61
C TYR B 17 23.20 3.42 -3.16
N ARG B 18 24.38 3.19 -2.57
CA ARG B 18 24.78 1.86 -2.15
C ARG B 18 25.42 1.94 -0.77
N TRP B 19 24.93 1.12 0.16
CA TRP B 19 25.56 0.95 1.47
C TRP B 19 25.24 -0.45 1.97
N ASP B 20 26.26 -1.16 2.44
CA ASP B 20 26.12 -2.54 2.90
C ASP B 20 26.42 -2.62 4.39
N PRO B 21 25.44 -2.90 5.25
CA PRO B 21 25.71 -2.96 6.69
C PRO B 21 26.58 -4.13 7.11
N ASP B 22 26.69 -5.17 6.28
CA ASP B 22 27.49 -6.34 6.64
C ASP B 22 28.96 -6.19 6.28
N LYS B 23 29.32 -5.18 5.51
CA LYS B 23 30.73 -4.90 5.26
C LYS B 23 31.29 -4.07 6.41
N PRO B 24 32.26 -4.58 7.18
CA PRO B 24 32.79 -3.80 8.31
C PRO B 24 33.50 -2.55 7.83
N GLY B 25 32.99 -1.40 8.25
CA GLY B 25 33.54 -0.13 7.83
C GLY B 25 33.06 0.36 6.49
N ASP B 26 31.92 -0.14 6.01
CA ASP B 26 31.41 0.27 4.71
C ASP B 26 30.94 1.72 4.75
N LYS B 27 31.27 2.47 3.70
CA LYS B 27 30.88 3.86 3.60
C LYS B 27 29.92 4.06 2.43
N PRO B 28 28.94 4.95 2.57
CA PRO B 28 28.00 5.19 1.47
C PRO B 28 28.71 5.68 0.22
N ARG B 29 28.18 5.26 -0.93
CA ARG B 29 28.80 5.58 -2.22
C ARG B 29 27.72 5.57 -3.30
N MET B 30 28.12 5.88 -4.52
CA MET B 30 27.26 5.84 -5.69
C MET B 30 27.87 4.91 -6.73
N GLN B 31 27.02 4.06 -7.31
CA GLN B 31 27.45 3.15 -8.37
C GLN B 31 26.60 3.39 -9.61
N THR B 32 27.25 3.31 -10.78
CA THR B 32 26.59 3.56 -12.05
C THR B 32 26.33 2.25 -12.78
N TYR B 33 25.16 2.15 -13.41
CA TYR B 33 24.78 0.98 -14.19
C TYR B 33 24.32 1.44 -15.57
N GLU B 34 24.63 0.63 -16.59
CA GLU B 34 24.25 0.91 -17.97
C GLU B 34 23.13 -0.03 -18.36
N VAL B 35 21.95 0.52 -18.63
CA VAL B 35 20.75 -0.26 -18.93
C VAL B 35 20.35 0.00 -20.37
N ASP B 36 20.25 -1.07 -21.16
CA ASP B 36 19.75 -0.97 -22.53
C ASP B 36 18.24 -0.82 -22.48
N LEU B 37 17.74 0.36 -22.87
CA LEU B 37 16.31 0.63 -22.78
C LEU B 37 15.50 -0.17 -23.79
N ASN B 38 16.13 -0.68 -24.85
CA ASN B 38 15.42 -1.52 -25.80
C ASN B 38 15.14 -2.92 -25.28
N LYS B 39 15.68 -3.28 -24.12
CA LYS B 39 15.48 -4.58 -23.50
C LYS B 39 15.03 -4.41 -22.05
N CYS B 40 14.16 -3.43 -21.81
CA CYS B 40 13.73 -3.10 -20.45
C CYS B 40 12.33 -2.51 -20.51
N GLY B 41 11.62 -2.62 -19.39
CA GLY B 41 10.31 -2.02 -19.25
C GLY B 41 10.39 -0.50 -19.23
N PRO B 42 9.24 0.16 -19.21
CA PRO B 42 9.24 1.64 -19.26
C PRO B 42 9.49 2.32 -17.92
N MET B 43 9.32 1.62 -16.81
CA MET B 43 9.39 2.22 -15.49
C MET B 43 10.76 2.01 -14.86
N VAL B 44 11.07 2.86 -13.88
CA VAL B 44 12.38 2.80 -13.22
C VAL B 44 12.53 1.50 -12.45
N LEU B 45 11.43 1.00 -11.86
CA LEU B 45 11.51 -0.28 -11.15
C LEU B 45 11.86 -1.41 -12.11
N ASP B 46 11.35 -1.36 -13.35
CA ASP B 46 11.75 -2.33 -14.35
C ASP B 46 13.25 -2.29 -14.61
N ALA B 47 13.87 -1.12 -14.45
CA ALA B 47 15.32 -1.02 -14.59
C ALA B 47 16.04 -1.55 -13.35
N LEU B 48 15.53 -1.24 -12.16
CA LEU B 48 16.12 -1.78 -10.94
C LEU B 48 16.06 -3.29 -10.92
N ILE B 49 14.93 -3.87 -11.33
CA ILE B 49 14.81 -5.32 -11.38
C ILE B 49 15.72 -5.91 -12.45
N LYS B 50 15.83 -5.21 -13.59
CA LYS B 50 16.74 -5.65 -14.64
C LYS B 50 18.19 -5.59 -14.17
N ILE B 51 18.56 -4.54 -13.43
CA ILE B 51 19.90 -4.43 -12.89
C ILE B 51 20.17 -5.54 -11.89
N LYS B 52 19.19 -5.85 -11.04
CA LYS B 52 19.38 -6.88 -10.02
C LYS B 52 19.43 -8.27 -10.64
N ASN B 53 18.65 -8.50 -11.69
CA ASN B 53 18.60 -9.82 -12.31
C ASN B 53 19.73 -10.04 -13.32
N GLU B 54 20.42 -9.00 -13.74
CA GLU B 54 21.44 -9.17 -14.78
C GLU B 54 22.82 -8.65 -14.39
N LEU B 55 22.90 -7.48 -13.78
CA LEU B 55 24.19 -6.83 -13.53
C LEU B 55 24.67 -7.01 -12.10
N ASP B 56 23.85 -6.68 -11.11
CA ASP B 56 24.27 -6.72 -9.71
C ASP B 56 23.10 -7.20 -8.86
N SER B 57 23.14 -8.47 -8.46
CA SER B 57 22.08 -9.04 -7.64
C SER B 57 22.19 -8.66 -6.17
N THR B 58 23.19 -7.86 -5.79
CA THR B 58 23.30 -7.37 -4.43
C THR B 58 22.51 -6.09 -4.20
N LEU B 59 22.10 -5.42 -5.27
CA LEU B 59 21.30 -4.20 -5.15
C LEU B 59 19.97 -4.53 -4.48
N THR B 60 19.72 -3.93 -3.32
CA THR B 60 18.59 -4.25 -2.47
C THR B 60 17.58 -3.11 -2.47
N PHE B 61 16.31 -3.44 -2.61
CA PHE B 61 15.23 -2.46 -2.61
C PHE B 61 13.92 -3.17 -2.34
N ARG B 62 12.92 -2.39 -1.92
CA ARG B 62 11.59 -2.92 -1.63
C ARG B 62 10.73 -2.84 -2.89
N ARG B 63 10.02 -3.93 -3.19
CA ARG B 63 9.11 -3.96 -4.33
C ARG B 63 8.11 -5.09 -4.10
N SER B 64 6.95 -4.98 -4.77
CA SER B 64 5.90 -5.98 -4.65
C SER B 64 4.87 -5.85 -5.76
N CYS B 65 3.96 -4.88 -5.63
CA CYS B 65 2.82 -4.79 -6.52
C CYS B 65 3.17 -4.38 -7.95
N ARG B 66 4.33 -3.72 -8.14
CA ARG B 66 4.77 -3.13 -9.40
C ARG B 66 3.65 -2.46 -10.18
N GLU B 67 2.62 -1.95 -9.49
CA GLU B 67 1.56 -1.20 -10.14
C GLU B 67 1.13 0.01 -9.32
N GLY B 68 1.94 0.41 -8.34
CA GLY B 68 1.67 1.61 -7.57
C GLY B 68 0.49 1.53 -6.63
N ILE B 69 0.22 0.36 -6.05
CA ILE B 69 -0.92 0.25 -5.15
C ILE B 69 -0.44 -0.12 -3.74
N CYS B 70 0.69 -0.83 -3.64
CA CYS B 70 1.15 -1.30 -2.34
C CYS B 70 2.03 -0.29 -1.62
N GLY B 71 2.79 0.52 -2.35
CA GLY B 71 3.61 1.54 -1.75
C GLY B 71 5.00 1.11 -1.33
N SER B 72 5.49 -0.03 -1.83
CA SER B 72 6.76 -0.56 -1.35
C SER B 72 7.96 0.22 -1.91
N CYS B 73 7.93 0.54 -3.20
CA CYS B 73 9.12 1.01 -3.92
C CYS B 73 9.31 2.51 -3.85
N ALA B 74 8.87 3.17 -2.78
CA ALA B 74 9.06 4.61 -2.64
C ALA B 74 10.55 4.94 -2.52
N MET B 75 11.01 5.87 -3.34
CA MET B 75 12.41 6.29 -3.33
C MET B 75 12.52 7.66 -3.97
N ASN B 76 13.74 8.19 -3.99
CA ASN B 76 14.02 9.51 -4.55
C ASN B 76 14.65 9.32 -5.92
N ILE B 77 13.90 9.62 -6.97
CA ILE B 77 14.34 9.43 -8.35
C ILE B 77 14.38 10.80 -9.02
N ALA B 78 15.56 11.17 -9.53
CA ALA B 78 15.78 12.47 -10.14
C ALA B 78 15.39 13.61 -9.21
N GLY B 79 15.70 13.45 -7.92
CA GLY B 79 15.51 14.49 -6.93
C GLY B 79 14.14 14.57 -6.29
N GLY B 80 13.22 13.68 -6.65
CA GLY B 80 11.88 13.72 -6.10
C GLY B 80 11.43 12.36 -5.60
N ASN B 81 10.59 12.39 -4.57
CA ASN B 81 10.05 11.17 -3.98
C ASN B 81 8.91 10.64 -4.84
N THR B 82 9.03 9.39 -5.28
CA THR B 82 8.02 8.79 -6.15
C THR B 82 8.12 7.27 -6.04
N LEU B 83 7.17 6.60 -6.66
CA LEU B 83 7.18 5.15 -6.74
C LEU B 83 7.96 4.73 -7.97
N ALA B 84 8.96 3.87 -7.77
CA ALA B 84 9.79 3.40 -8.88
C ALA B 84 8.99 2.61 -9.91
N CYS B 85 7.83 2.09 -9.54
CA CYS B 85 7.05 1.26 -10.45
C CYS B 85 6.10 2.06 -11.34
N THR B 86 5.84 3.32 -11.03
CA THR B 86 5.03 4.17 -11.89
C THR B 86 5.80 5.39 -12.41
N LYS B 87 7.11 5.42 -12.23
CA LYS B 87 7.95 6.53 -12.68
C LYS B 87 8.62 6.13 -13.98
N LYS B 88 8.26 6.79 -15.07
CA LYS B 88 8.83 6.49 -16.38
C LYS B 88 10.34 6.74 -16.38
N ILE B 89 11.08 5.83 -17.01
CA ILE B 89 12.50 6.05 -17.23
C ILE B 89 12.67 7.24 -18.17
N ASP B 90 13.57 8.14 -17.81
CA ASP B 90 13.85 9.30 -18.66
C ASP B 90 14.55 8.84 -19.93
N PRO B 91 13.92 8.96 -21.11
CA PRO B 91 14.56 8.48 -22.33
C PRO B 91 15.71 9.35 -22.82
N ASP B 92 15.96 10.49 -22.19
CA ASP B 92 17.10 11.32 -22.54
C ASP B 92 18.38 10.62 -22.08
N LEU B 93 19.16 10.11 -23.05
CA LEU B 93 20.36 9.35 -22.73
C LEU B 93 21.53 10.23 -22.30
N SER B 94 21.42 11.56 -22.46
CA SER B 94 22.48 12.45 -22.02
C SER B 94 22.38 12.82 -20.55
N LYS B 95 21.29 12.44 -19.87
CA LYS B 95 21.10 12.72 -18.47
C LYS B 95 21.14 11.42 -17.67
N THR B 96 21.95 11.39 -16.62
CA THR B 96 22.04 10.23 -15.76
C THR B 96 21.04 10.37 -14.62
N THR B 97 20.18 9.36 -14.47
CA THR B 97 19.17 9.38 -13.41
C THR B 97 19.83 9.03 -12.07
N LYS B 98 19.70 9.93 -11.09
CA LYS B 98 20.20 9.67 -9.75
C LYS B 98 19.07 9.11 -8.89
N ILE B 99 19.34 7.98 -8.24
CA ILE B 99 18.35 7.27 -7.43
C ILE B 99 18.88 7.16 -6.01
N TYR B 100 18.18 7.79 -5.07
CA TYR B 100 18.49 7.76 -3.65
C TYR B 100 17.34 7.13 -2.88
N PRO B 101 17.58 6.66 -1.64
CA PRO B 101 16.46 6.23 -0.78
C PRO B 101 15.63 7.42 -0.35
N LEU B 102 14.57 7.18 0.43
CA LEU B 102 13.75 8.28 0.91
C LEU B 102 14.60 9.22 1.76
N PRO B 103 14.43 10.54 1.62
CA PRO B 103 15.37 11.47 2.24
C PRO B 103 15.25 11.54 3.75
N HIS B 104 16.39 11.80 4.39
CA HIS B 104 16.48 11.98 5.84
C HIS B 104 15.87 10.80 6.59
N MET B 105 16.24 9.60 6.16
CA MET B 105 15.83 8.37 6.82
C MET B 105 17.05 7.51 7.08
N TYR B 106 17.01 6.77 8.18
CA TYR B 106 18.07 5.81 8.45
C TYR B 106 18.04 4.70 7.41
N VAL B 107 19.21 4.33 6.90
CA VAL B 107 19.34 3.40 5.79
C VAL B 107 19.66 2.02 6.35
N VAL B 108 18.76 1.07 6.11
CA VAL B 108 19.04 -0.32 6.48
C VAL B 108 20.04 -0.94 5.54
N LYS B 109 19.87 -0.73 4.24
CA LYS B 109 20.78 -1.23 3.21
C LYS B 109 20.40 -0.65 1.85
N ASP B 110 21.36 -0.09 1.13
CA ASP B 110 21.14 0.47 -0.20
C ASP B 110 19.96 1.44 -0.23
N LEU B 111 18.84 1.02 -0.81
CA LEU B 111 17.68 1.87 -0.99
C LEU B 111 16.57 1.56 0.01
N VAL B 112 16.87 0.84 1.08
CA VAL B 112 15.85 0.35 2.01
C VAL B 112 15.92 1.21 3.27
N PRO B 113 14.93 2.08 3.51
CA PRO B 113 14.93 2.89 4.73
C PRO B 113 14.15 2.23 5.86
N ASP B 114 14.27 2.85 7.05
CA ASP B 114 13.59 2.39 8.25
C ASP B 114 12.31 3.20 8.42
N LEU B 115 11.17 2.56 8.20
CA LEU B 115 9.87 3.21 8.25
C LEU B 115 9.13 2.96 9.56
N SER B 116 9.79 2.41 10.58
CA SER B 116 9.07 1.99 11.77
C SER B 116 8.56 3.19 12.58
N ASN B 117 9.32 4.28 12.62
CA ASN B 117 8.80 5.50 13.25
C ASN B 117 7.61 6.04 12.47
N PHE B 118 7.69 6.02 11.14
CA PHE B 118 6.56 6.39 10.30
C PHE B 118 5.35 5.51 10.61
N TYR B 119 5.56 4.19 10.70
CA TYR B 119 4.46 3.30 11.05
C TYR B 119 3.92 3.59 12.45
N ALA B 120 4.82 3.83 13.41
CA ALA B 120 4.38 4.07 14.78
C ALA B 120 3.58 5.35 14.90
N GLN B 121 3.97 6.40 14.19
CA GLN B 121 3.19 7.64 14.20
C GLN B 121 1.78 7.40 13.65
N TYR B 122 1.66 6.53 12.64
CA TYR B 122 0.36 6.20 12.09
C TYR B 122 -0.49 5.45 13.11
N LYS B 123 0.12 4.55 13.87
CA LYS B 123 -0.62 3.86 14.93
C LYS B 123 -1.10 4.84 16.00
N SER B 124 -0.30 5.86 16.29
CA SER B 124 -0.60 6.76 17.41
C SER B 124 -1.91 7.52 17.21
N ILE B 125 -2.29 7.79 15.95
CA ILE B 125 -3.54 8.51 15.71
C ILE B 125 -4.76 7.60 15.71
N GLU B 126 -4.58 6.32 16.02
CA GLU B 126 -5.66 5.33 16.09
C GLU B 126 -6.47 5.33 14.81
N PRO B 127 -5.94 4.79 13.72
CA PRO B 127 -6.60 4.85 12.40
C PRO B 127 -7.62 3.74 12.20
N TYR B 128 -8.73 3.82 12.94
CA TYR B 128 -9.80 2.83 12.85
C TYR B 128 -11.08 3.45 13.38
N LEU B 129 -12.21 2.96 12.87
CA LEU B 129 -13.50 3.51 13.27
C LEU B 129 -13.74 3.29 14.76
N LYS B 130 -14.19 4.34 15.44
CA LYS B 130 -14.47 4.29 16.87
C LYS B 130 -15.85 4.86 17.13
N LYS B 131 -16.66 4.15 17.90
CA LYS B 131 -17.99 4.60 18.28
C LYS B 131 -18.11 4.62 19.80
N LYS B 132 -18.87 5.60 20.31
CA LYS B 132 -19.09 5.67 21.75
C LYS B 132 -19.81 4.44 22.27
N ASP B 133 -20.63 3.81 21.43
CA ASP B 133 -21.34 2.58 21.76
C ASP B 133 -20.98 1.54 20.70
N GLU B 134 -20.17 0.55 21.10
CA GLU B 134 -19.75 -0.51 20.20
C GLU B 134 -20.41 -1.85 20.54
N SER B 135 -21.58 -1.82 21.17
CA SER B 135 -22.27 -3.05 21.52
C SER B 135 -22.89 -3.72 20.31
N LYS B 136 -23.44 -2.93 19.37
CA LYS B 136 -24.08 -3.49 18.19
C LYS B 136 -23.08 -3.68 17.05
N GLN B 137 -21.81 -3.89 17.40
CA GLN B 137 -20.78 -4.11 16.40
C GLN B 137 -21.02 -5.44 15.70
N GLY B 138 -21.12 -5.39 14.37
CA GLY B 138 -21.29 -6.58 13.58
C GLY B 138 -22.71 -7.04 13.36
N LYS B 139 -23.70 -6.25 13.80
CA LYS B 139 -25.11 -6.63 13.65
C LYS B 139 -25.69 -6.09 12.34
N GLU B 140 -25.63 -4.78 12.15
CA GLU B 140 -26.13 -4.15 10.94
C GLU B 140 -25.04 -3.27 10.33
N GLN B 141 -25.21 -2.98 9.04
CA GLN B 141 -24.29 -2.09 8.36
C GLN B 141 -24.57 -0.65 8.73
N TYR B 142 -23.50 0.12 8.98
CA TYR B 142 -23.65 1.52 9.33
C TYR B 142 -24.10 2.32 8.12
N LEU B 143 -25.16 3.11 8.30
CA LEU B 143 -25.66 3.93 7.20
C LEU B 143 -24.74 5.13 6.98
N GLN B 144 -24.42 5.39 5.72
CA GLN B 144 -23.65 6.57 5.33
C GLN B 144 -24.17 7.06 4.00
N SER B 145 -24.56 8.33 3.94
CA SER B 145 -25.07 8.89 2.70
C SER B 145 -23.96 8.96 1.65
N ILE B 146 -24.39 9.02 0.39
CA ILE B 146 -23.45 9.19 -0.71
C ILE B 146 -22.66 10.49 -0.56
N GLU B 147 -23.30 11.52 0.00
CA GLU B 147 -22.62 12.80 0.20
C GLU B 147 -21.53 12.69 1.25
N ASP B 148 -21.83 12.05 2.39
CA ASP B 148 -20.83 11.90 3.45
C ASP B 148 -19.76 10.90 3.06
N ARG B 149 -20.09 9.94 2.19
CA ARG B 149 -19.07 9.04 1.67
C ARG B 149 -18.14 9.76 0.68
N GLN B 150 -18.68 10.71 -0.08
CA GLN B 150 -17.86 11.43 -1.05
C GLN B 150 -16.77 12.25 -0.35
N LYS B 151 -17.02 12.71 0.88
CA LYS B 151 -16.02 13.46 1.62
C LYS B 151 -14.74 12.66 1.84
N LEU B 152 -14.79 11.34 1.71
CA LEU B 152 -13.62 10.50 1.90
C LEU B 152 -12.76 10.38 0.64
N ASP B 153 -13.29 10.74 -0.53
CA ASP B 153 -12.50 10.71 -1.75
C ASP B 153 -11.32 11.67 -1.64
N GLY B 154 -10.15 11.21 -2.08
CA GLY B 154 -8.92 11.96 -1.90
C GLY B 154 -8.21 11.69 -0.59
N LEU B 155 -8.74 10.80 0.25
CA LEU B 155 -8.17 10.55 1.57
C LEU B 155 -7.89 9.07 1.79
N TYR B 156 -8.89 8.22 1.56
CA TYR B 156 -8.72 6.79 1.83
C TYR B 156 -7.77 6.13 0.83
N GLU B 157 -7.53 6.77 -0.32
CA GLU B 157 -6.69 6.17 -1.35
C GLU B 157 -5.22 6.09 -0.95
N CYS B 158 -4.84 6.73 0.16
CA CYS B 158 -3.44 6.79 0.57
C CYS B 158 -2.88 5.38 0.76
N ILE B 159 -1.70 5.15 0.19
CA ILE B 159 -1.07 3.83 0.23
C ILE B 159 0.07 3.77 1.24
N LEU B 160 0.24 4.82 2.05
CA LEU B 160 1.27 4.86 3.09
C LEU B 160 2.67 4.60 2.52
N CYS B 161 2.92 5.14 1.32
CA CYS B 161 4.24 5.01 0.71
C CYS B 161 5.31 5.83 1.44
N ALA B 162 4.91 6.87 2.17
CA ALA B 162 5.75 7.81 2.91
C ALA B 162 6.51 8.78 2.03
N CYS B 163 6.13 8.91 0.75
CA CYS B 163 6.80 9.87 -0.12
C CYS B 163 6.60 11.30 0.35
N CYS B 164 5.36 11.63 0.76
CA CYS B 164 5.05 13.00 1.16
C CYS B 164 5.81 13.41 2.42
N SER B 165 5.77 12.57 3.45
CA SER B 165 6.42 12.94 4.72
C SER B 165 7.92 13.05 4.56
N THR B 166 8.54 12.16 3.79
CA THR B 166 9.98 12.21 3.60
C THR B 166 10.40 13.31 2.63
N SER B 167 9.46 14.07 2.07
CA SER B 167 9.77 15.24 1.27
C SER B 167 9.55 16.55 2.02
N CYS B 168 8.98 16.49 3.22
CA CYS B 168 8.63 17.69 3.96
C CYS B 168 9.81 18.15 4.80
N PRO B 169 10.27 19.38 4.66
CA PRO B 169 11.40 19.84 5.49
C PRO B 169 11.09 19.81 6.98
N SER B 170 9.86 20.14 7.38
CA SER B 170 9.50 20.08 8.79
C SER B 170 9.63 18.66 9.32
N TYR B 171 9.31 17.66 8.50
CA TYR B 171 9.52 16.27 8.89
C TYR B 171 11.00 15.90 8.89
N TRP B 172 11.82 16.61 8.12
CA TRP B 172 13.26 16.38 8.15
C TRP B 172 13.85 16.76 9.50
N TRP B 173 13.48 17.93 10.01
CA TRP B 173 14.11 18.45 11.23
C TRP B 173 13.40 18.00 12.50
N ASN B 174 12.10 17.67 12.43
CA ASN B 174 11.31 17.37 13.61
C ASN B 174 10.46 16.11 13.42
N GLY B 175 10.96 15.15 12.64
CA GLY B 175 10.23 13.91 12.41
C GLY B 175 10.01 13.09 13.66
N ASP B 176 10.74 13.38 14.74
CA ASP B 176 10.52 12.68 16.00
C ASP B 176 9.23 13.11 16.66
N LYS B 177 8.76 14.33 16.38
CA LYS B 177 7.56 14.87 17.03
C LYS B 177 6.50 15.38 16.07
N TYR B 178 6.87 15.74 14.84
CA TYR B 178 5.89 16.12 13.83
C TYR B 178 5.35 14.87 13.15
N LEU B 179 4.03 14.74 13.09
CA LEU B 179 3.43 13.51 12.59
C LEU B 179 3.61 13.35 11.09
N GLY B 180 3.72 14.45 10.35
CA GLY B 180 3.92 14.39 8.91
C GLY B 180 2.61 14.37 8.14
N PRO B 181 2.67 14.74 6.86
CA PRO B 181 1.43 14.84 6.07
C PRO B 181 0.70 13.51 5.89
N ALA B 182 1.42 12.40 5.73
CA ALA B 182 0.75 11.11 5.54
C ALA B 182 -0.13 10.77 6.73
N VAL B 183 0.44 10.78 7.94
CA VAL B 183 -0.32 10.43 9.13
C VAL B 183 -1.39 11.49 9.42
N LEU B 184 -1.05 12.77 9.23
CA LEU B 184 -2.01 13.84 9.49
C LEU B 184 -3.22 13.74 8.57
N MET B 185 -3.01 13.40 7.30
CA MET B 185 -4.15 13.25 6.39
C MET B 185 -5.01 12.06 6.78
N GLN B 186 -4.37 10.96 7.21
CA GLN B 186 -5.14 9.81 7.69
C GLN B 186 -5.91 10.15 8.95
N ALA B 187 -5.35 11.00 9.82
CA ALA B 187 -6.11 11.48 10.96
C ALA B 187 -7.34 12.25 10.50
N TYR B 188 -7.17 13.12 9.51
CA TYR B 188 -8.31 13.87 8.97
C TYR B 188 -9.31 12.94 8.29
N ARG B 189 -8.81 11.87 7.64
CA ARG B 189 -9.70 10.89 7.02
C ARG B 189 -10.65 10.28 8.05
N TRP B 190 -10.20 10.09 9.28
CA TRP B 190 -11.07 9.60 10.34
C TRP B 190 -11.82 10.71 11.06
N MET B 191 -11.35 11.96 10.95
CA MET B 191 -12.05 13.07 11.59
C MET B 191 -13.37 13.37 10.90
N ILE B 192 -13.41 13.28 9.58
CA ILE B 192 -14.61 13.63 8.82
C ILE B 192 -15.37 12.39 8.35
N ASP B 193 -14.96 11.19 8.78
CA ASP B 193 -15.77 10.00 8.55
C ASP B 193 -17.04 10.12 9.38
N SER B 194 -18.19 10.22 8.70
CA SER B 194 -19.45 10.48 9.39
C SER B 194 -19.79 9.41 10.42
N ARG B 195 -19.25 8.20 10.27
CA ARG B 195 -19.57 7.11 11.19
C ARG B 195 -18.72 7.11 12.45
N ASP B 196 -17.81 8.07 12.61
CA ASP B 196 -16.91 8.13 13.75
C ASP B 196 -17.47 9.06 14.81
N ASP B 197 -17.30 8.67 16.08
CA ASP B 197 -17.83 9.42 17.21
C ASP B 197 -16.75 10.08 18.05
N TYR B 198 -15.49 10.03 17.62
CA TYR B 198 -14.38 10.55 18.39
C TYR B 198 -13.66 11.68 17.66
N THR B 199 -14.43 12.56 17.03
CA THR B 199 -13.83 13.65 16.27
C THR B 199 -13.09 14.63 17.18
N GLU B 200 -13.70 14.97 18.32
CA GLU B 200 -13.08 15.92 19.23
C GLU B 200 -11.83 15.34 19.89
N GLU B 201 -11.84 14.04 20.19
CA GLU B 201 -10.67 13.40 20.78
C GLU B 201 -9.52 13.36 19.79
N ARG B 202 -9.82 13.17 18.50
CA ARG B 202 -8.75 13.18 17.50
C ARG B 202 -8.16 14.57 17.33
N LEU B 203 -9.01 15.60 17.41
CA LEU B 203 -8.51 16.97 17.36
C LEU B 203 -7.70 17.32 18.60
N ALA B 204 -8.17 16.87 19.78
CA ALA B 204 -7.48 17.17 21.02
C ALA B 204 -6.07 16.58 21.05
N GLN B 205 -5.85 15.46 20.35
CA GLN B 205 -4.54 14.84 20.33
C GLN B 205 -3.48 15.74 19.73
N LEU B 206 -3.88 16.67 18.86
CA LEU B 206 -2.94 17.51 18.11
C LEU B 206 -2.71 18.87 18.78
N GLN B 207 -3.05 19.00 20.06
CA GLN B 207 -2.88 20.26 20.79
C GLN B 207 -1.50 20.30 21.44
N ASP B 208 -0.49 20.41 20.58
CA ASP B 208 0.89 20.61 21.01
C ASP B 208 1.65 21.26 19.87
N PRO B 209 2.78 21.91 20.14
CA PRO B 209 3.45 22.69 19.09
C PRO B 209 4.04 21.87 17.95
N PHE B 210 4.09 20.55 18.06
CA PHE B 210 4.81 19.73 17.09
C PHE B 210 3.94 18.82 16.23
N SER B 211 2.97 18.11 16.84
CA SER B 211 2.24 17.06 16.13
C SER B 211 1.65 17.57 14.82
N LEU B 212 1.03 18.75 14.85
CA LEU B 212 0.38 19.33 13.69
C LEU B 212 1.00 20.63 13.25
N TYR B 213 1.39 21.50 14.18
CA TYR B 213 1.71 22.89 13.86
C TYR B 213 3.14 23.10 13.40
N ARG B 214 3.88 22.03 13.11
CA ARG B 214 5.14 22.18 12.40
C ARG B 214 4.96 22.34 10.89
N CYS B 215 3.74 22.17 10.38
CA CYS B 215 3.47 22.39 8.97
C CYS B 215 3.33 23.87 8.70
N HIS B 216 4.14 24.39 7.77
CA HIS B 216 4.09 25.80 7.40
C HIS B 216 3.68 25.96 5.93
N THR B 217 2.91 24.99 5.41
CA THR B 217 2.35 25.04 4.07
C THR B 217 3.45 25.13 3.01
N ILE B 218 4.46 24.29 3.15
CA ILE B 218 5.53 24.22 2.16
C ILE B 218 5.05 23.54 0.89
N MET B 219 4.15 22.57 1.02
CA MET B 219 3.47 21.89 -0.09
C MET B 219 4.39 21.03 -0.93
N ASN B 220 5.53 20.60 -0.38
CA ASN B 220 6.30 19.53 -1.01
C ASN B 220 5.50 18.22 -1.05
N CYS B 221 4.65 18.00 -0.04
CA CYS B 221 3.94 16.73 0.07
C CYS B 221 2.99 16.52 -1.10
N THR B 222 2.17 17.52 -1.42
CA THR B 222 1.21 17.39 -2.51
C THR B 222 1.92 17.26 -3.86
N ARG B 223 3.06 17.94 -4.03
CA ARG B 223 3.77 17.86 -5.30
C ARG B 223 4.31 16.46 -5.56
N THR B 224 4.74 15.76 -4.52
CA THR B 224 5.45 14.49 -4.67
C THR B 224 4.54 13.27 -4.59
N CYS B 225 3.26 13.43 -4.27
CA CYS B 225 2.40 12.27 -4.02
C CYS B 225 2.15 11.49 -5.29
N PRO B 226 2.57 10.22 -5.37
CA PRO B 226 2.31 9.43 -6.58
C PRO B 226 0.85 9.08 -6.79
N LYS B 227 0.01 9.22 -5.77
CA LYS B 227 -1.42 8.99 -5.92
C LYS B 227 -2.18 10.25 -6.28
N GLY B 228 -1.51 11.39 -6.41
CA GLY B 228 -2.19 12.62 -6.75
C GLY B 228 -3.04 13.20 -5.64
N LEU B 229 -2.83 12.77 -4.40
CA LEU B 229 -3.58 13.29 -3.28
C LEU B 229 -2.98 14.61 -2.81
N ASN B 230 -3.74 15.32 -1.96
CA ASN B 230 -3.36 16.64 -1.47
C ASN B 230 -3.32 16.61 0.06
N PRO B 231 -2.26 16.06 0.65
CA PRO B 231 -2.14 16.11 2.11
C PRO B 231 -1.93 17.51 2.65
N GLY B 232 -1.44 18.45 1.84
CA GLY B 232 -1.33 19.82 2.28
C GLY B 232 -2.69 20.44 2.55
N LYS B 233 -3.63 20.24 1.64
CA LYS B 233 -4.98 20.77 1.85
C LYS B 233 -5.64 20.12 3.06
N ALA B 234 -5.39 18.82 3.28
CA ALA B 234 -6.00 18.15 4.42
C ALA B 234 -5.52 18.75 5.73
N ILE B 235 -4.21 19.04 5.83
CA ILE B 235 -3.67 19.67 7.03
C ILE B 235 -4.34 21.03 7.26
N ALA B 236 -4.58 21.78 6.19
CA ALA B 236 -5.25 23.07 6.34
C ALA B 236 -6.68 22.91 6.85
N GLU B 237 -7.34 21.80 6.50
CA GLU B 237 -8.67 21.54 7.04
C GLU B 237 -8.61 21.13 8.51
N ILE B 238 -7.57 20.41 8.91
CA ILE B 238 -7.38 20.11 10.32
C ILE B 238 -7.18 21.40 11.11
N LYS B 239 -6.28 22.27 10.64
CA LYS B 239 -6.00 23.52 11.34
C LYS B 239 -7.27 24.35 11.52
N LYS B 240 -8.11 24.42 10.48
CA LYS B 240 -9.38 25.12 10.60
C LYS B 240 -10.30 24.43 11.61
N MET B 241 -10.25 23.10 11.69
CA MET B 241 -11.07 22.39 12.67
C MET B 241 -10.53 22.58 14.08
N MET B 242 -9.20 22.65 14.22
CA MET B 242 -8.59 22.86 15.53
C MET B 242 -9.02 24.19 16.15
N ALA B 243 -9.31 25.19 15.31
CA ALA B 243 -9.63 26.52 15.78
C ALA B 243 -11.12 26.78 15.93
N THR B 244 -11.96 25.79 15.59
CA THR B 244 -13.41 26.00 15.55
C THR B 244 -14.20 25.13 16.50
N TYR B 245 -13.72 23.93 16.83
CA TYR B 245 -14.52 23.00 17.60
C TYR B 245 -14.62 23.43 19.05
N LYS B 246 -15.83 23.30 19.61
CA LYS B 246 -16.07 23.52 21.03
C LYS B 246 -16.05 22.19 21.77
N GLU B 247 -15.95 22.27 23.10
CA GLU B 247 -15.85 21.08 23.92
C GLU B 247 -17.13 20.82 24.71
N ALA C 2 1.91 -5.73 20.75
CA ALA C 2 2.39 -5.93 22.11
C ALA C 2 3.17 -4.71 22.59
N THR C 3 3.38 -3.75 21.69
CA THR C 3 4.09 -2.52 22.00
C THR C 3 3.24 -1.34 21.56
N THR C 4 3.09 -0.36 22.45
CA THR C 4 2.34 0.84 22.11
C THR C 4 3.10 1.67 21.08
N ALA C 5 2.41 2.66 20.51
CA ALA C 5 3.05 3.52 19.53
C ALA C 5 4.19 4.33 20.14
N LYS C 6 4.00 4.84 21.36
CA LYS C 6 5.07 5.59 22.01
C LYS C 6 6.30 4.72 22.26
N GLU C 7 6.09 3.46 22.64
CA GLU C 7 7.21 2.55 22.85
C GLU C 7 7.94 2.26 21.55
N GLU C 8 7.19 2.07 20.45
CA GLU C 8 7.83 1.81 19.17
C GLU C 8 8.69 2.98 18.72
N MET C 9 8.22 4.21 18.97
CA MET C 9 9.02 5.38 18.61
C MET C 9 10.28 5.48 19.46
N ALA C 10 10.22 5.03 20.71
CA ALA C 10 11.39 5.09 21.58
C ALA C 10 12.45 4.10 21.12
N ARG C 11 12.06 2.86 20.82
CA ARG C 11 13.03 1.87 20.38
C ARG C 11 13.64 2.26 19.03
N PHE C 12 12.83 2.85 18.15
CA PHE C 12 13.34 3.36 16.87
C PHE C 12 14.55 4.27 17.08
N TRP C 13 14.41 5.28 17.93
CA TRP C 13 15.51 6.20 18.16
C TRP C 13 16.65 5.54 18.93
N GLU C 14 16.32 4.67 19.87
CA GLU C 14 17.35 3.99 20.66
C GLU C 14 18.16 3.03 19.79
N MLZ C 15 17.50 2.41 18.83
CA MLZ C 15 18.14 1.44 17.96
CB MLZ C 15 17.09 0.57 17.26
CG MLZ C 15 17.60 -0.11 16.00
CD MLZ C 15 16.46 -0.78 15.27
CE MLZ C 15 15.54 0.25 14.60
NZ MLZ C 15 14.24 -0.30 14.24
CM MLZ C 15 13.20 -0.43 15.24
C MLZ C 15 19.00 2.14 16.93
O MLZ C 15 20.16 1.74 16.72
N ASN C 16 18.45 3.17 16.30
CA ASN C 16 19.11 3.81 15.16
C ASN C 16 20.26 4.75 15.55
N THR C 17 20.06 5.55 16.60
CA THR C 17 21.08 6.53 16.95
C THR C 17 22.37 5.88 17.40
N LYS C 18 22.30 4.71 18.03
CA LYS C 18 23.49 3.99 18.46
C LYS C 18 23.97 2.98 17.43
N SER C 19 23.38 2.96 16.25
CA SER C 19 23.78 2.05 15.19
C SER C 19 24.78 2.72 14.25
N SER C 20 25.34 1.90 13.35
CA SER C 20 26.23 2.39 12.31
C SER C 20 25.48 2.76 11.04
N ARG C 21 24.17 2.93 11.12
CA ARG C 21 23.37 3.22 9.94
C ARG C 21 23.56 4.68 9.52
N PRO C 22 23.77 4.95 8.24
CA PRO C 22 23.88 6.34 7.78
C PRO C 22 22.50 6.96 7.61
N LEU C 23 22.51 8.29 7.51
CA LEU C 23 21.31 9.06 7.22
C LEU C 23 21.27 9.37 5.73
N SER C 24 20.16 9.00 5.09
CA SER C 24 20.03 9.24 3.66
C SER C 24 20.09 10.74 3.38
N PRO C 25 20.76 11.17 2.31
CA PRO C 25 20.85 12.61 2.03
C PRO C 25 19.48 13.21 1.74
N HIS C 26 19.36 14.51 2.00
CA HIS C 26 18.07 15.18 1.88
C HIS C 26 18.18 16.50 1.11
N ILE C 27 18.67 17.56 1.76
CA ILE C 27 18.68 18.87 1.12
C ILE C 27 19.68 18.92 -0.02
N SER C 28 20.75 18.13 0.05
CA SER C 28 21.78 18.17 -0.99
C SER C 28 21.35 17.48 -2.27
N ILE C 29 20.28 16.67 -2.24
CA ILE C 29 19.88 15.87 -3.38
C ILE C 29 18.44 16.11 -3.81
N TYR C 30 17.63 16.80 -3.02
CA TYR C 30 16.22 16.99 -3.37
C TYR C 30 16.08 18.11 -4.38
N LYS C 31 15.29 17.86 -5.43
CA LYS C 31 15.07 18.86 -6.46
C LYS C 31 14.19 19.99 -5.92
N TRP C 32 14.60 21.22 -6.19
CA TRP C 32 13.88 22.39 -5.71
C TRP C 32 12.70 22.72 -6.63
N SER C 33 11.81 23.57 -6.13
CA SER C 33 10.69 24.08 -6.90
C SER C 33 10.45 25.53 -6.52
N LEU C 34 9.58 26.19 -7.29
CA LEU C 34 9.28 27.60 -6.99
C LEU C 34 8.50 27.75 -5.69
N PRO C 35 7.46 26.96 -5.40
CA PRO C 35 6.79 27.11 -4.09
C PRO C 35 7.72 26.85 -2.92
N MET C 36 8.62 25.88 -3.04
CA MET C 36 9.55 25.58 -1.96
C MET C 36 10.58 26.70 -1.79
N ALA C 37 11.11 27.22 -2.91
CA ALA C 37 12.03 28.34 -2.82
C ALA C 37 11.34 29.57 -2.23
N MET C 38 10.07 29.76 -2.56
CA MET C 38 9.33 30.91 -2.02
C MET C 38 8.95 30.71 -0.56
N SER C 39 8.81 29.47 -0.11
CA SER C 39 8.51 29.24 1.30
C SER C 39 9.69 29.63 2.17
N ILE C 40 10.89 29.17 1.83
CA ILE C 40 12.07 29.50 2.63
C ILE C 40 12.45 30.97 2.47
N THR C 41 12.12 31.57 1.32
CA THR C 41 12.36 33.00 1.15
C THR C 41 11.44 33.82 2.04
N HIS C 42 10.20 33.36 2.21
CA HIS C 42 9.29 34.03 3.14
C HIS C 42 9.82 33.99 4.56
N ARG C 43 10.58 32.94 4.89
CA ARG C 43 11.18 32.83 6.22
C ARG C 43 12.40 33.72 6.36
N GLY C 44 13.26 33.75 5.34
CA GLY C 44 14.44 34.61 5.40
C GLY C 44 14.10 36.08 5.43
N THR C 45 13.08 36.48 4.66
CA THR C 45 12.66 37.88 4.67
C THR C 45 12.05 38.25 6.02
N GLY C 46 11.25 37.35 6.60
CA GLY C 46 10.68 37.63 7.91
C GLY C 46 11.73 37.83 8.97
N VAL C 47 12.73 36.95 9.00
CA VAL C 47 13.81 37.07 9.97
C VAL C 47 14.62 38.35 9.73
N ALA C 48 14.92 38.64 8.46
CA ALA C 48 15.68 39.85 8.15
C ALA C 48 14.92 41.11 8.57
N LEU C 49 13.60 41.12 8.35
CA LEU C 49 12.79 42.27 8.74
C LEU C 49 12.77 42.45 10.26
N SER C 50 12.63 41.36 11.01
CA SER C 50 12.61 41.45 12.46
C SER C 50 13.93 41.96 13.00
N LEU C 51 15.04 41.38 12.51
CA LEU C 51 16.36 41.85 12.95
C LEU C 51 16.58 43.31 12.56
N GLY C 52 16.06 43.73 11.41
CA GLY C 52 16.13 45.13 11.05
C GLY C 52 15.37 46.02 12.02
N VAL C 53 14.19 45.57 12.45
CA VAL C 53 13.44 46.32 13.45
C VAL C 53 14.22 46.38 14.76
N SER C 54 14.82 45.27 15.16
CA SER C 54 15.53 45.22 16.44
C SER C 54 16.79 46.07 16.40
N LEU C 55 17.52 46.07 15.27
CA LEU C 55 18.67 46.96 15.16
C LEU C 55 18.24 48.42 15.16
N PHE C 56 17.03 48.71 14.67
CA PHE C 56 16.54 50.09 14.70
C PHE C 56 16.18 50.50 16.13
N SER C 57 15.46 49.64 16.84
CA SER C 57 15.09 49.95 18.22
C SER C 57 16.32 50.10 19.10
N LEU C 58 17.32 49.23 18.90
CA LEU C 58 18.57 49.36 19.64
C LEU C 58 19.28 50.66 19.32
N ALA C 59 19.20 51.11 18.05
CA ALA C 59 19.83 52.36 17.67
C ALA C 59 19.14 53.56 18.29
N ALA C 60 17.82 53.49 18.48
CA ALA C 60 17.10 54.57 19.13
C ALA C 60 17.45 54.68 20.61
N LEU C 61 17.91 53.59 21.23
CA LEU C 61 18.28 53.61 22.63
C LEU C 61 19.77 53.87 22.85
N LEU C 62 20.61 53.67 21.84
CA LEU C 62 22.05 53.74 22.02
C LEU C 62 22.74 54.83 21.22
N LEU C 63 22.09 55.40 20.20
CA LEU C 63 22.85 56.39 19.44
C LEU C 63 22.72 57.78 20.04
N PRO C 64 23.77 58.60 19.93
CA PRO C 64 23.75 59.92 20.57
C PRO C 64 23.01 60.99 19.80
N GLU C 65 22.46 60.69 18.63
CA GLU C 65 21.79 61.68 17.80
C GLU C 65 20.39 61.23 17.46
N GLN C 66 19.52 62.20 17.18
CA GLN C 66 18.16 61.93 16.77
C GLN C 66 18.12 61.51 15.31
N PHE C 67 16.97 60.94 14.91
CA PHE C 67 16.80 60.52 13.52
C PHE C 67 16.93 61.66 12.51
N PRO C 68 16.36 62.85 12.74
CA PRO C 68 16.53 63.93 11.74
C PRO C 68 17.99 64.31 11.52
N HIS C 69 18.85 64.11 12.52
CA HIS C 69 20.27 64.40 12.32
C HIS C 69 20.90 63.46 11.30
N TYR C 70 20.59 62.16 11.40
CA TYR C 70 21.20 61.19 10.50
C TYR C 70 20.62 61.30 9.09
N VAL C 71 19.37 61.75 8.96
CA VAL C 71 18.82 62.02 7.64
C VAL C 71 19.52 63.21 7.00
N ALA C 72 19.80 64.24 7.81
CA ALA C 72 20.51 65.40 7.28
C ALA C 72 21.93 65.06 6.87
N VAL C 73 22.57 64.11 7.58
CA VAL C 73 23.93 63.71 7.21
C VAL C 73 23.93 62.98 5.87
N VAL C 74 22.97 62.08 5.66
CA VAL C 74 22.90 61.35 4.40
C VAL C 74 22.55 62.29 3.26
N LYS C 75 21.66 63.26 3.51
CA LYS C 75 21.31 64.23 2.47
C LYS C 75 22.49 65.10 2.10
N SER C 76 23.33 65.45 3.07
CA SER C 76 24.51 66.27 2.79
C SER C 76 25.55 65.52 1.98
N LEU C 77 25.53 64.19 2.01
CA LEU C 77 26.44 63.42 1.16
C LEU C 77 26.13 63.60 -0.32
N SER C 78 24.94 64.09 -0.65
CA SER C 78 24.55 64.39 -2.03
C SER C 78 24.71 63.16 -2.92
N LEU C 79 23.99 62.11 -2.58
CA LEU C 79 24.08 60.86 -3.29
C LEU C 79 23.30 60.91 -4.60
N SER C 80 23.67 60.03 -5.53
CA SER C 80 23.02 59.99 -6.83
C SER C 80 21.62 59.39 -6.70
N PRO C 81 20.70 59.76 -7.60
CA PRO C 81 19.37 59.15 -7.57
C PRO C 81 19.40 57.65 -7.77
N ALA C 82 20.41 57.12 -8.47
CA ALA C 82 20.50 55.67 -8.68
C ALA C 82 20.84 54.95 -7.39
N LEU C 83 21.82 55.45 -6.64
CA LEU C 83 22.15 54.83 -5.36
C LEU C 83 21.01 54.97 -4.37
N ILE C 84 20.35 56.13 -4.33
CA ILE C 84 19.17 56.30 -3.50
C ILE C 84 18.08 55.31 -3.91
N TYR C 85 17.92 55.11 -5.22
CA TYR C 85 16.94 54.13 -5.70
C TYR C 85 17.32 52.72 -5.31
N SER C 86 18.59 52.35 -5.49
CA SER C 86 19.04 51.01 -5.12
C SER C 86 18.87 50.76 -3.62
N ALA C 87 19.17 51.77 -2.81
CA ALA C 87 18.96 51.63 -1.37
C ALA C 87 17.49 51.47 -1.05
N LYS C 88 16.64 52.33 -1.63
CA LYS C 88 15.21 52.24 -1.40
C LYS C 88 14.66 50.89 -1.85
N PHE C 89 15.10 50.42 -3.03
CA PHE C 89 14.62 49.14 -3.53
C PHE C 89 15.06 48.00 -2.63
N ALA C 90 16.32 48.02 -2.18
CA ALA C 90 16.83 46.94 -1.33
C ALA C 90 16.17 46.96 0.04
N LEU C 91 15.71 48.12 0.51
CA LEU C 91 15.02 48.18 1.79
C LEU C 91 13.59 47.69 1.66
N VAL C 92 12.91 48.02 0.56
CA VAL C 92 11.48 47.72 0.43
C VAL C 92 11.21 46.39 -0.24
N PHE C 93 12.20 45.78 -0.90
CA PHE C 93 11.96 44.49 -1.54
C PHE C 93 11.60 43.39 -0.55
N PRO C 94 12.35 43.15 0.53
CA PRO C 94 11.97 42.05 1.44
C PRO C 94 10.64 42.31 2.14
N LEU C 95 10.34 43.56 2.49
CA LEU C 95 9.05 43.86 3.11
C LEU C 95 7.92 43.58 2.15
N SER C 96 8.04 44.01 0.90
CA SER C 96 6.98 43.82 -0.08
C SER C 96 6.74 42.34 -0.36
N TYR C 97 7.83 41.58 -0.57
CA TYR C 97 7.70 40.15 -0.79
C TYR C 97 7.01 39.47 0.39
N HIS C 98 7.49 39.76 1.61
CA HIS C 98 6.93 39.12 2.79
C HIS C 98 5.46 39.47 2.98
N THR C 99 5.06 40.68 2.57
CA THR C 99 3.66 41.07 2.70
C THR C 99 2.77 40.30 1.73
N TRP C 100 3.14 40.29 0.45
CA TRP C 100 2.32 39.59 -0.55
C TRP C 100 2.26 38.10 -0.26
N ASN C 101 3.42 37.48 0.01
CA ASN C 101 3.44 36.07 0.34
C ASN C 101 2.78 35.80 1.70
N GLY C 102 2.71 36.81 2.57
CA GLY C 102 1.97 36.65 3.81
C GLY C 102 0.47 36.59 3.57
N ILE C 103 -0.04 37.45 2.69
CA ILE C 103 -1.44 37.37 2.29
C ILE C 103 -1.73 36.02 1.64
N ARG C 104 -0.78 35.54 0.82
CA ARG C 104 -0.89 34.21 0.23
C ARG C 104 -0.98 33.14 1.31
N HIS C 105 -0.19 33.27 2.37
CA HIS C 105 -0.27 32.33 3.49
C HIS C 105 -1.62 32.42 4.18
N LEU C 106 -2.13 33.64 4.40
CA LEU C 106 -3.42 33.79 5.07
C LEU C 106 -4.54 33.19 4.24
N VAL C 107 -4.45 33.29 2.91
CA VAL C 107 -5.43 32.63 2.05
C VAL C 107 -5.37 31.12 2.25
N TRP C 108 -4.17 30.56 2.30
CA TRP C 108 -4.01 29.14 2.58
C TRP C 108 -4.64 28.76 3.91
N ASP C 109 -4.45 29.60 4.94
CA ASP C 109 -5.00 29.30 6.26
C ASP C 109 -6.52 29.27 6.25
N MET C 110 -7.16 29.94 5.30
CA MET C 110 -8.60 29.80 5.10
C MET C 110 -8.95 28.54 4.32
N GLY C 111 -7.94 27.80 3.83
CA GLY C 111 -8.17 26.60 3.06
C GLY C 111 -8.32 26.79 1.57
N LYS C 112 -8.00 27.97 1.05
CA LYS C 112 -8.19 28.28 -0.36
C LYS C 112 -6.87 28.23 -1.11
N GLY C 113 -6.95 27.79 -2.37
CA GLY C 113 -5.80 27.80 -3.25
C GLY C 113 -4.81 26.68 -3.07
N PHE C 114 -5.29 25.48 -2.74
CA PHE C 114 -4.39 24.37 -2.41
C PHE C 114 -4.13 23.42 -3.56
N LYS C 115 -4.90 23.50 -4.65
CA LYS C 115 -4.53 22.76 -5.85
C LYS C 115 -3.13 23.17 -6.28
N LEU C 116 -2.32 22.17 -6.66
CA LEU C 116 -0.90 22.43 -6.90
C LEU C 116 -0.69 23.47 -7.99
N SER C 117 -1.55 23.46 -9.02
CA SER C 117 -1.44 24.48 -10.07
C SER C 117 -1.80 25.86 -9.54
N GLN C 118 -2.70 25.94 -8.56
CA GLN C 118 -2.99 27.23 -7.95
C GLN C 118 -1.85 27.71 -7.05
N VAL C 119 -1.13 26.78 -6.42
CA VAL C 119 0.05 27.15 -5.64
C VAL C 119 1.08 27.81 -6.53
N GLU C 120 1.29 27.26 -7.73
CA GLU C 120 2.23 27.86 -8.66
C GLU C 120 1.73 29.21 -9.16
N GLN C 121 0.44 29.32 -9.46
CA GLN C 121 -0.12 30.58 -9.92
C GLN C 121 0.02 31.68 -8.88
N SER C 122 -0.45 31.41 -7.65
CA SER C 122 -0.38 32.42 -6.60
C SER C 122 1.05 32.84 -6.31
N GLY C 123 2.01 31.91 -6.44
CA GLY C 123 3.40 32.27 -6.23
C GLY C 123 3.91 33.25 -7.28
N VAL C 124 3.63 32.97 -8.55
CA VAL C 124 4.06 33.86 -9.61
C VAL C 124 3.40 35.23 -9.46
N VAL C 125 2.13 35.25 -9.04
CA VAL C 125 1.44 36.52 -8.83
C VAL C 125 2.10 37.31 -7.72
N VAL C 126 2.50 36.63 -6.64
CA VAL C 126 3.24 37.30 -5.57
C VAL C 126 4.56 37.85 -6.09
N LEU C 127 5.20 37.14 -7.02
CA LEU C 127 6.50 37.57 -7.52
C LEU C 127 6.37 38.85 -8.35
N ILE C 128 5.35 38.93 -9.20
CA ILE C 128 5.20 40.13 -10.02
C ILE C 128 4.62 41.29 -9.21
N LEU C 129 3.77 40.99 -8.22
CA LEU C 129 3.27 42.04 -7.34
C LEU C 129 4.38 42.61 -6.48
N THR C 130 5.31 41.76 -6.02
CA THR C 130 6.45 42.25 -5.25
C THR C 130 7.32 43.18 -6.08
N LEU C 131 7.60 42.81 -7.34
CA LEU C 131 8.44 43.63 -8.19
C LEU C 131 7.76 44.97 -8.50
N LEU C 132 6.48 44.93 -8.87
CA LEU C 132 5.78 46.16 -9.21
C LEU C 132 5.68 47.10 -8.00
N SER C 133 5.39 46.54 -6.83
CA SER C 133 5.30 47.36 -5.63
C SER C 133 6.66 47.93 -5.23
N SER C 134 7.70 47.12 -5.27
CA SER C 134 9.03 47.60 -4.91
C SER C 134 9.56 48.63 -5.89
N ALA C 135 9.24 48.47 -7.18
CA ALA C 135 9.70 49.44 -8.18
C ALA C 135 9.00 50.78 -8.01
N ALA C 136 7.69 50.76 -7.75
CA ALA C 136 6.95 52.01 -7.58
C ALA C 136 7.34 52.71 -6.29
N ILE C 137 7.55 51.95 -5.21
CA ILE C 137 7.88 52.56 -3.93
C ILE C 137 9.26 53.19 -3.96
N ALA C 138 10.25 52.45 -4.50
CA ALA C 138 11.60 52.99 -4.58
C ALA C 138 11.66 54.23 -5.46
N ALA C 139 10.77 54.33 -6.45
CA ALA C 139 10.68 55.51 -7.30
C ALA C 139 10.14 56.72 -6.57
N MET C 140 9.58 56.55 -5.38
CA MET C 140 9.07 57.66 -4.58
C MET C 140 10.21 58.30 -3.77
N SER D 2 -4.35 26.12 29.25
CA SER D 2 -5.52 25.82 28.45
C SER D 2 -5.30 24.58 27.58
N SER D 3 -6.31 23.72 27.52
CA SER D 3 -6.22 22.50 26.72
C SER D 3 -6.21 22.77 25.23
N LYS D 4 -6.53 23.99 24.80
CA LYS D 4 -6.48 24.36 23.39
C LYS D 4 -5.44 25.45 23.15
N ALA D 5 -4.34 25.42 23.91
CA ALA D 5 -3.36 26.50 23.84
C ALA D 5 -2.67 26.56 22.49
N ALA D 6 -2.48 25.42 21.83
CA ALA D 6 -1.77 25.42 20.55
C ALA D 6 -2.65 25.99 19.44
N SER D 7 -3.94 25.67 19.44
CA SER D 7 -4.83 26.19 18.40
C SER D 7 -5.15 27.65 18.65
N LEU D 8 -5.30 28.06 19.91
CA LEU D 8 -5.53 29.46 20.21
C LEU D 8 -4.33 30.31 19.84
N HIS D 9 -3.13 29.76 19.95
CA HIS D 9 -1.94 30.51 19.55
C HIS D 9 -1.86 30.62 18.03
N TRP D 10 -2.18 29.53 17.32
CA TRP D 10 -2.19 29.58 15.86
C TRP D 10 -3.15 30.64 15.36
N THR D 11 -4.33 30.75 15.98
CA THR D 11 -5.29 31.77 15.58
C THR D 11 -4.77 33.17 15.87
N SER D 12 -4.12 33.36 17.02
CA SER D 12 -3.60 34.68 17.38
C SER D 12 -2.52 35.13 16.42
N GLU D 13 -1.66 34.21 15.97
CA GLU D 13 -0.64 34.54 14.99
C GLU D 13 -1.27 35.09 13.71
N ARG D 14 -2.31 34.41 13.21
CA ARG D 14 -2.98 34.90 12.01
C ARG D 14 -3.72 36.22 12.28
N ALA D 15 -4.27 36.38 13.48
CA ALA D 15 -4.99 37.61 13.80
C ALA D 15 -4.05 38.81 13.83
N VAL D 16 -2.85 38.63 14.40
CA VAL D 16 -1.88 39.72 14.46
C VAL D 16 -1.36 40.04 13.07
N SER D 17 -1.21 39.03 12.21
CA SER D 17 -0.77 39.29 10.84
C SER D 17 -1.81 40.11 10.08
N ALA D 18 -3.09 39.78 10.24
CA ALA D 18 -4.14 40.57 9.62
C ALA D 18 -4.15 41.99 10.20
N LEU D 19 -3.89 42.11 11.50
CA LEU D 19 -3.79 43.44 12.11
C LEU D 19 -2.60 44.20 11.55
N LEU D 20 -1.44 43.54 11.49
CA LEU D 20 -0.24 44.18 10.95
C LEU D 20 -0.42 44.54 9.49
N LEU D 21 -1.14 43.71 8.74
CA LEU D 21 -1.41 44.00 7.33
C LEU D 21 -2.24 45.28 7.20
N GLY D 22 -3.22 45.47 8.09
CA GLY D 22 -4.04 46.66 8.03
C GLY D 22 -3.36 47.92 8.53
N LEU D 23 -2.25 47.77 9.26
CA LEU D 23 -1.52 48.94 9.75
C LEU D 23 -0.66 49.58 8.68
N LEU D 24 -0.32 48.85 7.61
CA LEU D 24 0.44 49.46 6.52
C LEU D 24 -0.36 50.53 5.79
N PRO D 25 -1.61 50.29 5.37
CA PRO D 25 -2.40 51.42 4.85
C PRO D 25 -2.74 52.43 5.92
N ALA D 26 -2.85 52.01 7.19
CA ALA D 26 -3.10 52.96 8.27
C ALA D 26 -1.93 53.92 8.44
N ALA D 27 -0.70 53.40 8.35
CA ALA D 27 0.48 54.26 8.50
C ALA D 27 0.62 55.24 7.34
N TYR D 28 0.21 54.83 6.14
CA TYR D 28 0.31 55.73 4.99
C TYR D 28 -0.83 56.74 4.97
N LEU D 29 -2.02 56.33 5.35
CA LEU D 29 -3.19 57.21 5.26
C LEU D 29 -3.38 58.05 6.52
N TYR D 30 -3.09 57.50 7.70
CA TYR D 30 -3.27 58.22 8.96
C TYR D 30 -2.02 58.09 9.81
N PRO D 31 -0.91 58.73 9.41
CA PRO D 31 0.29 58.70 10.24
C PRO D 31 0.08 59.51 11.51
N GLY D 32 0.70 59.03 12.60
CA GLY D 32 0.57 59.68 13.87
C GLY D 32 0.86 58.74 15.02
N PRO D 33 0.58 59.19 16.25
CA PRO D 33 0.94 58.37 17.43
C PRO D 33 0.14 57.08 17.53
N ALA D 34 -1.14 57.09 17.18
CA ALA D 34 -1.95 55.88 17.28
C ALA D 34 -1.39 54.75 16.43
N VAL D 35 -0.97 55.07 15.21
CA VAL D 35 -0.41 54.04 14.33
C VAL D 35 1.02 53.70 14.72
N ASP D 36 1.79 54.70 15.19
CA ASP D 36 3.17 54.44 15.60
C ASP D 36 3.24 53.40 16.71
N TYR D 37 2.41 53.55 17.73
CA TYR D 37 2.45 52.61 18.86
C TYR D 37 1.79 51.29 18.52
N SER D 38 0.71 51.31 17.72
CA SER D 38 0.13 50.07 17.23
C SER D 38 1.14 49.29 16.39
N LEU D 39 1.86 49.99 15.51
CA LEU D 39 2.95 49.35 14.78
C LEU D 39 4.00 48.81 15.73
N ALA D 40 4.33 49.57 16.77
CA ALA D 40 5.33 49.11 17.74
C ALA D 40 4.91 47.79 18.37
N ALA D 41 3.65 47.71 18.81
CA ALA D 41 3.18 46.49 19.46
C ALA D 41 3.06 45.33 18.47
N ALA D 42 2.55 45.61 17.26
CA ALA D 42 2.33 44.52 16.30
C ALA D 42 3.63 44.01 15.72
N LEU D 43 4.56 44.91 15.38
CA LEU D 43 5.85 44.48 14.85
C LEU D 43 6.62 43.64 15.85
N THR D 44 6.49 43.96 17.14
CA THR D 44 7.19 43.19 18.17
C THR D 44 6.53 41.83 18.38
N LEU D 45 5.20 41.83 18.54
CA LEU D 45 4.49 40.58 18.82
C LEU D 45 4.56 39.62 17.64
N HIS D 46 4.33 40.13 16.43
CA HIS D 46 4.41 39.28 15.24
C HIS D 46 5.83 38.76 15.03
N GLY D 47 6.83 39.62 15.25
CA GLY D 47 8.21 39.17 15.11
C GLY D 47 8.61 38.19 16.20
N HIS D 48 8.09 38.38 17.42
CA HIS D 48 8.42 37.48 18.51
C HIS D 48 7.87 36.07 18.25
N TRP D 49 6.58 35.98 17.91
CA TRP D 49 5.99 34.69 17.58
C TRP D 49 6.65 34.09 16.34
N GLY D 50 7.01 34.92 15.38
CA GLY D 50 7.65 34.41 14.17
C GLY D 50 9.01 33.81 14.44
N LEU D 51 9.85 34.51 15.19
CA LEU D 51 11.16 33.97 15.54
C LEU D 51 11.05 32.77 16.47
N GLY D 52 9.93 32.63 17.19
CA GLY D 52 9.74 31.45 18.01
C GLY D 52 9.52 30.19 17.19
N GLN D 53 8.80 30.31 16.07
CA GLN D 53 8.60 29.15 15.20
C GLN D 53 9.92 28.71 14.59
N VAL D 54 10.80 29.65 14.27
CA VAL D 54 12.12 29.30 13.72
C VAL D 54 12.94 28.54 14.76
N ILE D 55 12.85 28.95 16.03
CA ILE D 55 13.56 28.26 17.09
C ILE D 55 12.96 26.87 17.30
N THR D 56 11.63 26.78 17.32
CA THR D 56 10.98 25.48 17.47
C THR D 56 11.38 24.53 16.35
N ASP D 57 11.53 25.06 15.13
CA ASP D 57 11.87 24.21 13.99
C ASP D 57 13.33 23.79 13.99
N TYR D 58 14.24 24.71 14.35
CA TYR D 58 15.66 24.51 14.08
C TYR D 58 16.52 24.28 15.32
N VAL D 59 16.05 24.62 16.51
CA VAL D 59 16.84 24.46 17.73
C VAL D 59 16.33 23.23 18.48
N HIS D 60 17.23 22.33 18.84
CA HIS D 60 16.87 21.10 19.52
C HIS D 60 17.76 20.88 20.73
N GLY D 61 17.23 20.16 21.72
CA GLY D 61 17.89 19.99 22.99
C GLY D 61 17.25 20.84 24.06
N ASP D 62 17.17 20.32 25.29
CA ASP D 62 16.45 21.01 26.35
C ASP D 62 17.10 22.35 26.68
N THR D 63 18.42 22.37 26.87
CA THR D 63 19.09 23.62 27.20
C THR D 63 19.16 24.57 26.01
N PRO D 64 19.56 24.15 24.80
CA PRO D 64 19.57 25.12 23.69
C PRO D 64 18.22 25.75 23.42
N ILE D 65 17.13 24.98 23.54
CA ILE D 65 15.79 25.56 23.36
C ILE D 65 15.51 26.58 24.45
N LYS D 66 15.87 26.26 25.69
CA LYS D 66 15.67 27.21 26.79
C LYS D 66 16.53 28.46 26.62
N VAL D 67 17.78 28.28 26.16
CA VAL D 67 18.66 29.42 25.95
C VAL D 67 18.14 30.31 24.82
N ALA D 68 17.67 29.71 23.74
CA ALA D 68 17.22 30.49 22.59
C ALA D 68 15.94 31.26 22.92
N ASN D 69 14.98 30.60 23.57
CA ASN D 69 13.71 31.27 23.87
C ASN D 69 13.88 32.39 24.88
N THR D 70 14.80 32.23 25.83
CA THR D 70 15.08 33.32 26.78
C THR D 70 15.75 34.49 26.08
N GLY D 71 16.78 34.20 25.27
CA GLY D 71 17.44 35.27 24.53
C GLY D 71 16.52 35.97 23.55
N LEU D 72 15.53 35.25 23.03
CA LEU D 72 14.53 35.87 22.17
C LEU D 72 13.60 36.79 22.97
N TYR D 73 13.25 36.38 24.19
CA TYR D 73 12.39 37.21 25.03
C TYR D 73 13.07 38.51 25.40
N VAL D 74 14.40 38.48 25.61
CA VAL D 74 15.13 39.72 25.86
C VAL D 74 15.11 40.61 24.62
N LEU D 75 15.32 40.02 23.45
CA LEU D 75 15.32 40.80 22.21
C LEU D 75 13.98 41.48 21.98
N SER D 76 12.88 40.74 22.18
CA SER D 76 11.55 41.30 21.93
C SER D 76 11.24 42.44 22.90
N ALA D 77 11.49 42.22 24.19
CA ALA D 77 11.19 43.25 25.19
C ALA D 77 11.99 44.52 24.93
N ILE D 78 13.27 44.38 24.59
CA ILE D 78 14.09 45.55 24.28
C ILE D 78 13.60 46.21 23.00
N THR D 79 13.18 45.42 22.01
CA THR D 79 12.71 45.99 20.75
C THR D 79 11.46 46.82 20.96
N PHE D 80 10.48 46.28 21.69
CA PHE D 80 9.25 47.02 21.92
C PHE D 80 9.51 48.30 22.71
N THR D 81 10.45 48.26 23.66
CA THR D 81 10.76 49.43 24.46
C THR D 81 11.47 50.49 23.62
N GLY D 82 12.43 50.08 22.81
CA GLY D 82 13.11 51.03 21.93
C GLY D 82 12.18 51.65 20.91
N LEU D 83 11.18 50.89 20.44
CA LEU D 83 10.21 51.45 19.50
C LEU D 83 9.31 52.47 20.20
N CYS D 84 8.86 52.17 21.41
CA CYS D 84 8.09 53.15 22.18
C CYS D 84 8.93 54.36 22.53
N TYR D 85 10.23 54.17 22.79
CA TYR D 85 11.10 55.31 23.04
C TYR D 85 11.19 56.20 21.81
N PHE D 86 11.31 55.59 20.63
CA PHE D 86 11.39 56.38 19.41
C PHE D 86 10.09 57.13 19.15
N ASN D 87 8.95 56.54 19.50
CA ASN D 87 7.68 57.20 19.27
C ASN D 87 7.46 58.37 20.23
N TYR D 88 7.97 58.27 21.45
CA TYR D 88 7.73 59.32 22.44
C TYR D 88 8.77 60.43 22.39
N TYR D 89 10.04 60.10 22.18
CA TYR D 89 11.11 61.09 22.22
C TYR D 89 11.56 61.55 20.84
N ASP D 90 11.20 60.84 19.79
CA ASP D 90 11.66 61.16 18.45
C ASP D 90 10.47 61.37 17.51
N VAL D 91 10.71 61.31 16.20
CA VAL D 91 9.67 61.65 15.23
C VAL D 91 8.59 60.59 15.17
N GLY D 92 8.93 59.35 15.51
CA GLY D 92 7.99 58.24 15.41
C GLY D 92 8.19 57.43 14.13
N ILE D 93 7.56 56.26 14.12
CA ILE D 93 7.78 55.31 13.02
C ILE D 93 7.32 55.90 11.69
N CYS D 94 6.10 56.45 11.66
CA CYS D 94 5.54 56.95 10.41
C CYS D 94 6.38 58.07 9.83
N LYS D 95 6.75 59.04 10.67
CA LYS D 95 7.50 60.20 10.18
C LYS D 95 8.93 59.81 9.82
N ALA D 96 9.53 58.85 10.54
CA ALA D 96 10.88 58.41 10.20
C ALA D 96 10.93 57.79 8.81
N VAL D 97 9.89 57.05 8.43
CA VAL D 97 9.85 56.44 7.10
C VAL D 97 9.78 57.52 6.02
N ALA D 98 8.97 58.55 6.24
CA ALA D 98 8.84 59.63 5.27
C ALA D 98 10.16 60.39 5.12
N MET D 99 10.79 60.74 6.24
CA MET D 99 12.07 61.44 6.18
C MET D 99 13.13 60.61 5.47
N LEU D 100 13.13 59.29 5.72
CA LEU D 100 14.10 58.43 5.05
C LEU D 100 13.86 58.39 3.55
N TRP D 101 12.61 58.48 3.12
CA TRP D 101 12.30 58.45 1.69
C TRP D 101 12.44 59.80 1.01
N SER D 102 12.58 60.88 1.79
CA SER D 102 12.86 62.20 1.23
C SER D 102 14.33 62.37 0.85
N ILE D 103 15.17 61.38 1.13
CA ILE D 103 16.58 61.44 0.80
C ILE D 103 16.76 61.48 -0.73
PA FAD E . -1.90 -12.21 0.40
O1A FAD E . -1.34 -12.48 -0.97
O2A FAD E . -2.89 -11.08 0.59
O5B FAD E . -0.66 -11.94 1.38
C5B FAD E . 0.29 -12.97 1.63
C4B FAD E . 0.96 -12.70 2.97
O4B FAD E . 1.78 -13.83 3.32
C3B FAD E . 1.90 -11.50 2.90
O3B FAD E . 1.50 -10.52 3.86
C2B FAD E . 3.28 -12.03 3.27
O2B FAD E . 3.90 -11.17 4.21
C1B FAD E . 2.98 -13.38 3.88
N9A FAD E . 4.08 -14.33 3.55
C8A FAD E . 4.26 -14.96 2.38
N7A FAD E . 5.37 -15.73 2.46
C5A FAD E . 5.88 -15.55 3.70
C6A FAD E . 7.07 -16.10 4.41
N6A FAD E . 7.93 -16.97 3.81
N1A FAD E . 7.29 -15.71 5.68
C2A FAD E . 6.42 -14.85 6.22
N3A FAD E . 5.35 -14.33 5.65
C4A FAD E . 5.06 -14.67 4.38
N1 FAD E . -10.32 -11.45 -4.81
C2 FAD E . -11.58 -11.00 -4.60
O2 FAD E . -12.37 -11.72 -3.93
N3 FAD E . -12.02 -9.82 -5.06
C4 FAD E . -11.17 -9.06 -5.76
O4 FAD E . -11.57 -7.97 -6.20
C4X FAD E . -9.84 -9.48 -6.02
N5 FAD E . -9.01 -8.71 -6.73
C5X FAD E . -7.73 -9.15 -6.95
C6 FAD E . -6.85 -8.36 -7.68
C7 FAD E . -5.55 -8.78 -7.92
C7M FAD E . -4.61 -7.91 -8.71
C8 FAD E . -5.10 -10.03 -7.42
C8M FAD E . -3.70 -10.50 -7.66
C9 FAD E . -5.98 -10.82 -6.68
C9A FAD E . -7.28 -10.39 -6.45
N10 FAD E . -8.15 -11.18 -5.73
C10 FAD E . -9.46 -10.72 -5.50
C1' FAD E . -7.69 -12.47 -5.19
C2' FAD E . -7.39 -12.20 -3.72
O2' FAD E . -7.21 -10.79 -3.52
C3' FAD E . -6.14 -12.90 -3.21
O3' FAD E . -6.13 -14.27 -3.62
C4' FAD E . -6.10 -12.79 -1.69
O4' FAD E . -6.15 -11.41 -1.31
C5' FAD E . -4.88 -13.43 -1.06
O5' FAD E . -4.88 -13.02 0.30
P FAD E . -4.03 -13.80 1.41
O1P FAD E . -4.29 -13.12 2.73
O2P FAD E . -4.33 -15.28 1.29
O3P FAD E . -2.49 -13.58 1.01
K K F . -6.68 -21.53 -2.89
O1 OAA G . -10.43 -12.07 -8.47
O2 OAA G . -12.24 -12.10 -7.25
O4 OAA G . -11.83 -7.42 -10.04
O5 OAA G . -11.44 -8.72 -11.74
O3 OAA G . -9.67 -9.89 -9.54
C1 OAA G . -11.51 -11.55 -8.12
C2 OAA G . -11.91 -10.23 -8.80
C3 OAA G . -10.97 -9.60 -9.57
C4 OAA G . -11.45 -8.50 -10.51
C1 UNL H . 12.50 -8.89 1.03
C3 UNL H . 10.36 -10.21 0.72
C5 UNL H . 10.26 -10.42 -1.48
C6 UNL H . 11.37 -9.72 -1.06
C7 UNL H . 12.38 -9.17 -2.01
N2 UNL H . 11.44 -9.59 0.25
N4 UNL H . 9.64 -10.72 -0.32
C10 UNL I . 6.29 -1.69 11.99
C2 UNL I . 3.12 -3.32 12.84
C3 UNL I . 3.22 -3.80 14.28
C5 UNL I . 2.58 -1.48 14.59
C6 UNL I . 3.56 -1.02 13.51
C7 UNL I . 2.25 -3.08 16.37
C8 UNL I . 0.85 -3.42 15.87
C9 UNL I . 5.38 -2.49 12.92
N1 UNL I . 3.98 -2.13 12.65
N4 UNL I . 3.11 -2.68 15.24
O1S UNL I . 7.72 -3.82 12.14
O2S UNL I . 8.50 -2.02 10.72
O3S UNL I . 8.60 -1.81 13.13
O8 UNL I . 0.02 -3.74 16.98
S UNL I . 7.82 -2.35 11.99
C UNL J . -20.44 -35.93 -16.71
O1 UNL J . -20.10 -34.80 -17.09
O2 UNL J . -20.09 -37.06 -16.99
O3 UNL J . -21.44 -35.93 -15.67
C UNL K . -31.77 -26.10 -5.46
O1 UNL K . -32.87 -26.53 -5.80
O2 UNL K . -30.73 -25.87 -6.06
O3 UNL K . -31.61 -25.92 -4.04
C1 UNL L . -11.48 9.96 -7.83
C2 UNL L . -10.63 8.79 -7.36
O1 UNL L . -12.81 9.51 -8.09
S2 UNL L . -11.38 8.04 -5.90
C1 UNL M . -17.83 -39.79 -5.51
C2 UNL M . -16.90 -39.23 -4.44
O1 UNL M . -18.08 -41.18 -5.24
S2 UNL M . -16.46 -37.52 -4.87
O UNL N . -17.32 -22.13 13.74
N1 UNL O . 5.70 -8.04 -13.90
N2 UNL O . 6.17 -8.90 -14.52
N3 UNL O . 6.66 -9.75 -15.13
O UNL P . 30.06 -24.58 12.36
O UNL Q . -27.85 -23.53 7.89
O UNL R . -12.84 -14.96 16.71
O UNL S . 27.95 -30.59 -14.18
O UNL T . -4.30 -2.75 -12.04
O UNL U . 1.97 -6.46 -3.13
FE1 FES V . 5.85 0.08 -6.51
FE2 FES V . 3.84 -1.56 -4.96
S1 FES V . 5.79 -2.01 -5.83
S2 FES V . 4.14 0.59 -5.24
FE1 SF4 W . 1.85 10.50 1.20
FE2 SF4 W . 0.50 10.29 -1.15
FE3 SF4 W . -0.27 8.77 1.00
FE4 SF4 W . 2.07 8.21 -0.28
S1 SF4 W . -0.04 8.06 -1.15
S2 SF4 W . 1.75 8.34 1.96
S3 SF4 W . 2.76 10.31 -0.87
S4 SF4 W . -0.33 11.05 0.82
FE1 F3S X . 5.34 19.78 4.97
FE3 F3S X . 3.27 19.62 3.27
FE4 F3S X . 3.11 21.15 5.48
S1 F3S X . 5.43 19.75 2.74
S2 F3S X . 5.21 21.92 5.78
S3 F3S X . 3.29 18.83 5.44
S4 F3S X . 2.12 21.58 3.49
C10 UNL Y . 11.48 11.67 20.35
C2 UNL Y . 14.13 12.44 19.80
C3 UNL Y . 15.47 13.07 20.18
C5 UNL Y . 16.29 10.82 20.67
C6 UNL Y . 14.99 10.88 21.46
C7 UNL Y . 16.71 11.84 18.54
C8 UNL Y . 17.12 13.14 17.84
C9 UNL Y . 12.62 11.27 21.29
N1 UNL Y . 13.88 11.18 20.54
N4 UNL Y . 16.55 12.10 19.98
O1S UNL Y . 9.99 11.84 22.43
O2S UNL Y . 8.92 11.90 20.27
O3S UNL Y . 9.86 9.83 21.09
O8 UNL Y . 17.26 12.90 16.43
S UNL Y . 10.02 11.31 21.05
C1 UNL Z . 13.38 9.52 10.35
C2 UNL Z . 14.70 9.46 11.10
O1 UNL Z . 12.45 10.36 11.05
S2 UNL Z . 15.40 11.12 11.23
N1 UNL AA . -18.63 14.34 8.06
N2 UNL AA . -18.53 14.10 9.19
N3 UNL AA . -18.42 13.86 10.32
O UNL BA . -6.73 16.53 0.27
C1 UNL BA . -8.05 16.98 0.41
C2 UNL BA . -8.47 17.10 1.87
O UNL CA . 18.78 17.59 10.84
O UNL DA . -7.49 9.51 18.86
O5 AT5 EA . 12.85 24.45 2.23
C7 AT5 EA . 13.10 24.50 3.41
C8 AT5 EA . 14.44 23.97 3.86
C11 AT5 EA . 15.47 25.08 3.75
C12 AT5 EA . 16.84 24.62 4.23
C17 AT5 EA . 16.92 24.62 5.76
C13 AT5 EA . 17.92 25.52 3.65
CL12 AT5 EA . 18.19 26.86 4.80
C14 AT5 EA . 19.23 24.76 3.42
CL16 AT5 EA . 20.07 25.43 1.98
C10 AT5 EA . 14.83 22.78 2.99
C6 AT5 EA . 12.11 25.10 4.38
C5 AT5 EA . 10.97 25.88 3.84
N4 AT5 EA . 10.05 26.46 4.65
C3 AT5 EA . 10.08 26.36 5.99
C2 AT5 EA . 11.16 25.60 6.67
C1 AT5 EA . 12.20 24.95 5.87
O1 AT5 EA . 13.19 24.26 6.50
O2 AT5 EA . 11.17 25.50 8.04
CM2 AT5 EA . 10.64 24.32 8.65
O3 AT5 EA . 9.10 26.96 6.74
CM3 AT5 EA . 8.29 27.98 6.16
O4 AT5 EA . 10.84 26.04 2.62
CHA HEM FA . 6.00 34.95 9.36
CHB HEM FA . 8.33 39.01 10.67
CHC HEM FA . 5.15 41.60 8.07
CHD HEM FA . 2.45 37.61 7.42
C1A HEM FA . 6.95 35.81 9.88
C2A HEM FA . 8.17 35.42 10.58
C3A HEM FA . 8.81 36.54 10.93
C4A HEM FA . 8.02 37.68 10.50
CMA HEM FA . 10.16 36.61 11.69
CAA HEM FA . 8.65 33.97 10.83
CBA HEM FA . 8.99 33.30 9.50
CGA HEM FA . 8.65 31.83 9.56
O1A HEM FA . 9.01 31.09 8.61
O2A HEM FA . 8.02 31.40 10.56
C1B HEM FA . 7.68 40.07 10.08
C2B HEM FA . 8.03 41.48 10.21
C3B HEM FA . 7.15 42.19 9.48
C4B HEM FA . 6.20 41.27 8.88
CMB HEM FA . 9.21 42.07 11.02
CAB HEM FA . 7.14 43.72 9.32
C1C HEM FA . 4.11 40.76 7.68
C2C HEM FA . 2.92 41.13 6.96
C3C HEM FA . 2.17 40.04 6.78
C4C HEM FA . 2.87 38.91 7.39
CMC HEM FA . 2.54 42.55 6.47
CAC HEM FA . 0.81 39.95 6.06
C1D HEM FA . 3.15 36.53 7.91
C2D HEM FA . 2.69 35.16 7.99
C3D HEM FA . 3.67 34.43 8.52
C4D HEM FA . 4.79 35.30 8.81
CMD HEM FA . 1.31 34.64 7.54
CAD HEM FA . 3.61 32.91 8.80
CBD HEM FA . 4.57 32.14 7.92
CGD HEM FA . 4.36 30.66 8.13
O1D HEM FA . 3.41 30.29 8.89
O2D HEM FA . 5.12 29.84 7.56
NA HEM FA . 6.89 37.19 9.86
NB HEM FA . 6.57 39.99 9.27
NC HEM FA . 4.05 39.40 7.93
ND HEM FA . 4.44 36.58 8.42
FE HEM FA . 5.51 38.28 8.85
C2 UMQ GA . 8.05 20.85 -13.47
C4 UMQ GA . 5.74 21.63 -13.87
C5 UMQ GA . 5.78 22.35 -12.53
C6 UMQ GA . 4.41 22.30 -11.87
O2 UMQ GA . 9.38 20.78 -14.01
O4 UMQ GA . 4.88 22.34 -14.77
C1 UMQ GA . 8.06 21.65 -12.16
C3 UMQ GA . 7.13 21.51 -14.47
O1 UMQ GA . 8.65 22.94 -12.38
O3 UMQ GA . 7.06 20.72 -15.66
O5 UMQ GA . 6.73 21.75 -11.65
O6 UMQ GA . 4.52 22.58 -10.48
C1' UMQ GA . 11.99 24.90 -10.83
C2' UMQ GA . 12.13 23.40 -10.98
C3' UMQ GA . 11.01 22.79 -11.81
C4' UMQ GA . 9.64 23.31 -11.40
C5' UMQ GA . 9.67 24.83 -11.26
C6' UMQ GA . 8.33 25.37 -10.78
O1' UMQ GA . 12.97 25.33 -9.89
O3' UMQ GA . 11.08 21.36 -11.62
O5' UMQ GA . 10.69 25.22 -10.35
O6' UMQ GA . 7.92 24.68 -9.59
O2' UMQ GA . 13.40 23.09 -11.58
CA UMQ GA . 12.78 26.68 -9.47
CB UMQ GA . 13.69 26.97 -8.29
CC UMQ GA . 13.44 28.37 -7.73
CD UMQ GA . 14.21 29.43 -8.51
CF UMQ GA . 13.68 30.82 -8.21
CG UMQ GA . 13.73 31.14 -6.72
CH UMQ GA . 12.93 32.40 -6.40
CI UMQ GA . 12.87 32.67 -4.91
CJ UMQ GA . 11.78 33.68 -4.57
CK UMQ GA . 12.07 35.04 -5.19
CL UMQ GA . 12.49 36.04 -4.14
C1 UNL HA . -6.85 45.37 6.02
C2 UNL HA . -6.27 44.85 4.70
C3 UNL HA . -4.84 45.44 2.92
C4 UNL HA . -3.67 46.39 2.67
C5 UNL HA . -1.51 46.47 1.73
C6 UNL HA . -0.65 45.93 0.60
C7 UNL HA . 1.53 46.02 -0.34
C8 UNL HA . 2.98 46.36 -0.05
O1 UNL HA . -7.09 44.27 6.91
O2 UNL HA . -5.61 45.92 4.02
O3 UNL HA . -2.79 45.84 1.70
O4 UNL HA . 0.70 46.38 0.77
C UNL IA . 20.15 55.63 2.85
O UNL IA . 19.32 55.34 1.74
C1 UNL JA . -9.94 29.33 -4.67
C2 UNL JA . -10.24 28.26 -3.62
O1 UNL JA . -10.58 30.56 -4.30
S2 UNL JA . -9.28 26.77 -3.96
O UNL KA . -2.13 37.91 -3.20
C1 UNL KA . -1.65 36.61 -3.49
C2 UNL KA . -2.76 35.57 -3.50
O UNL LA . 15.30 45.12 6.47
O UNL MA . 10.80 50.01 11.73
P 3PE NA . 3.95 61.28 0.70
N 3PE NA . 8.25 60.91 -0.50
O11 3PE NA . 4.18 59.88 1.46
O12 3PE NA . 2.99 61.03 -0.43
O13 3PE NA . 5.39 61.60 0.06
O14 3PE NA . 3.64 62.34 1.74
C11 3PE NA . 5.85 60.88 -1.07
C12 3PE NA . 7.24 61.37 -1.48
C1 3PE NA . 4.70 59.82 2.79
C2 3PE NA . 4.87 58.35 3.14
C3 3PE NA . 5.89 57.75 2.18
O31 3PE NA . 5.83 56.33 2.31
O32 3PE NA . 7.79 55.99 1.12
C31 3PE NA . 6.88 55.49 1.77
C32 3PE NA . 6.85 53.99 2.03
C33 3PE NA . 8.26 53.45 2.05
C34 3PE NA . 8.29 52.02 2.61
C35 3PE NA . 9.66 51.70 3.17
C36 3PE NA . 9.72 50.29 3.74
C37 3PE NA . 11.06 50.04 4.42
C38 3PE NA . 11.27 51.02 5.57
O21 3PE NA . 5.32 58.16 4.47
O22 3PE NA . 3.64 58.91 5.88
C21 3PE NA . 4.22 57.95 5.40
C22 3PE NA . 3.78 56.55 5.73
C23 3PE NA . 4.92 55.76 6.35
C24 3PE NA . 4.63 54.26 6.30
C25 3PE NA . 5.39 53.53 7.39
C26 3PE NA . 5.39 52.02 7.19
C27 3PE NA . 5.94 51.33 8.43
C28 3PE NA . 6.51 49.95 8.13
C29 3PE NA . 7.07 49.31 9.39
C2A 3PE NA . 7.87 48.05 9.09
C2B 3PE NA . 9.26 48.38 8.57
C2C 3PE NA . 10.14 47.14 8.54
C2D 3PE NA . 11.58 47.49 8.16
C1 UNL OA . 0.77 34.05 23.97
C2 UNL OA . 2.22 34.54 23.86
C3 UNL OA . 3.07 33.48 23.84
C4 UNL OA . 4.57 33.76 23.80
O1 UNL OA . 0.33 33.56 22.91
O2 UNL OA . 0.07 34.15 25.00
O3 UNL OA . 2.64 32.22 23.86
O4 UNL OA . 5.00 34.86 24.24
O5 UNL OA . 5.35 32.90 23.33
O UNL PA . 12.23 41.76 16.57
C1 UNL PA . 12.04 40.72 17.49
C2 UNL PA . 10.63 40.68 18.04
O UNL QA . 18.98 24.17 9.26
C1 UNL QA . 19.81 25.30 9.49
C2 UNL QA . 19.01 26.60 9.53
C UNL RA . 3.09 35.45 13.99
O UNL RA . 2.19 36.55 14.02
C1 UNL SA . -2.00 50.75 20.48
C2 UNL SA . -1.13 50.60 21.72
C3 UNL SA . 0.52 49.24 22.73
O1 UNL SA . -2.76 51.96 20.58
O2 UNL SA . -0.28 49.47 21.57
C1 UNL TA . -5.79 60.00 16.28
C10 UNL TA . 3.78 51.38 25.84
C11 UNL TA . 4.81 51.78 26.90
C12 UNL TA . 6.98 51.29 27.70
C2 UNL TA . -4.46 59.41 18.15
C3 UNL TA . -4.47 58.64 19.47
C4 UNL TA . -3.08 57.76 21.16
C5 UNL TA . -1.64 57.35 21.47
C6 UNL TA . -0.36 55.84 22.75
C7 UNL TA . -0.47 54.80 23.87
C8 UNL TA . 0.57 52.94 24.85
C9 UNL TA . 1.77 52.00 24.77
O1 UNL TA . -5.75 59.33 17.54
O2 UNL TA . -3.14 58.52 19.96
O3 UNL TA . -1.64 56.45 22.57
O4 UNL TA . 0.73 54.03 23.96
O5 UNL TA . 2.77 52.38 25.73
O6 UNL TA . 5.87 50.83 26.93
C1 UNL UA . 1.74 60.10 23.17
C2 UNL UA . 1.82 59.84 24.65
C3 UNL UA . 1.97 58.35 24.89
C4 UNL UA . 2.24 58.06 26.37
C5 UNL UA . 2.79 56.65 26.55
C6 UNL UA . 4.04 56.44 25.72
C7 UNL UA . 4.86 55.28 26.23
O1 UNL UA . 0.61 60.03 22.63
O2 UNL UA . 2.71 60.64 22.61
C1 UNL VA . 3.39 59.89 29.46
C2 UNL VA . 4.37 59.14 30.34
C3 UNL VA . 6.65 59.11 29.73
C4 UNL VA . 7.70 58.02 29.64
C5 UNL VA . 8.22 56.28 28.12
C6 UNL VA . 8.67 56.03 26.70
O1 UNL VA . 3.70 61.28 29.52
O2 UNL VA . 5.37 58.55 29.54
O3 UNL VA . 7.87 57.64 28.28
O4 UNL VA . 8.97 54.65 26.56
O UNL WA . 22.29 20.69 14.22
O UNL XA . 23.93 23.15 10.63
O UNL YA . 17.64 21.98 12.16
O UNL ZA . 20.26 23.18 17.86
O UNL AB . 22.77 24.16 18.50
O UNL BB . 20.83 37.90 22.48
#